data_5EE9
#
_entry.id   5EE9
#
_cell.length_a   70.451
_cell.length_b   112.064
_cell.length_c   115.736
_cell.angle_alpha   90.00
_cell.angle_beta   90.00
_cell.angle_gamma   90.00
#
_symmetry.space_group_name_H-M   'P 21 21 21'
#
loop_
_entity.id
_entity.type
_entity.pdbx_description
1 polymer 'Obg-like ATPase 1'
2 non-polymer 'PHOSPHOAMINOPHOSPHONIC ACID-GUANYLATE ESTER'
3 non-polymer 'MAGNESIUM ION'
4 non-polymer 'POTASSIUM ION'
5 non-polymer GLYCEROL
6 water water
#
_entity_poly.entity_id   1
_entity_poly.type   'polypeptide(L)'
_entity_poly.pdbx_seq_one_letter_code
;SMPPKASKKDAAPAERPILGRFSSHLKIGIVGLPNVGKSTFFNIVTKLSIPAENFPFCTIDPNEARVYVPDERFDWLCQL
YKPKSEVSAYLEINDIAGLVRGAHAGEGLGNAFLSHIRAVDGIFHVLRAFEDKEVTHIDDSVDPVRDLETIGEELRLKDI
EFVQNKIDDLEKSMKRSNDKQLKLEHELCEKVKAHLEDGKDVRFGDWKSADIEILNTFQLLTAKPVVYLVNMSEKDYQRK
KNKFLPKIHAWVQEHGGETIIPFSCAFERLLADMPPDEAAKYCAENQIASVIPKIIKTGFAAIHLIYFFTAGPDEVKCWQ
IRRQTKAPQAAGTIHTDFERGFICAEVMKFDDLKELGSESAVKAAGKYRQEGKTYVVQDGDIIFFKFNVSGGGKK
;
_entity_poly.pdbx_strand_id   A,B
#
loop_
_chem_comp.id
_chem_comp.type
_chem_comp.name
_chem_comp.formula
GNP non-polymer 'PHOSPHOAMINOPHOSPHONIC ACID-GUANYLATE ESTER' 'C10 H17 N6 O13 P3'
GOL non-polymer GLYCEROL 'C3 H8 O3'
K non-polymer 'POTASSIUM ION' 'K 1'
MG non-polymer 'MAGNESIUM ION' 'Mg 2'
#
# COMPACT_ATOMS: atom_id res chain seq x y z
N GLU A 15 -13.98 -1.96 -24.51
CA GLU A 15 -14.39 -2.14 -23.07
C GLU A 15 -14.46 -3.62 -22.69
N ARG A 16 -13.89 -3.95 -21.54
CA ARG A 16 -13.94 -5.32 -21.00
C ARG A 16 -15.33 -5.59 -20.39
N PRO A 17 -15.71 -6.88 -20.25
CA PRO A 17 -17.00 -7.18 -19.62
C PRO A 17 -17.13 -6.62 -18.21
N ILE A 18 -18.37 -6.38 -17.78
CA ILE A 18 -18.63 -5.75 -16.49
C ILE A 18 -18.72 -6.76 -15.35
N LEU A 19 -18.01 -6.46 -14.27
CA LEU A 19 -17.99 -7.29 -13.08
C LEU A 19 -19.26 -7.05 -12.26
N GLY A 20 -20.24 -7.92 -12.48
CA GLY A 20 -21.52 -7.84 -11.79
C GLY A 20 -22.43 -9.01 -12.10
N ARG A 21 -23.48 -9.17 -11.28
CA ARG A 21 -24.47 -10.23 -11.43
C ARG A 21 -25.26 -10.10 -12.73
N PHE A 22 -25.57 -11.24 -13.35
CA PHE A 22 -26.30 -11.26 -14.62
C PHE A 22 -27.81 -11.09 -14.40
N SER A 23 -28.23 -9.83 -14.32
CA SER A 23 -29.64 -9.46 -14.10
C SER A 23 -29.87 -7.95 -14.24
N SER A 24 -31.14 -7.56 -14.36
CA SER A 24 -31.53 -6.14 -14.34
C SER A 24 -32.35 -5.81 -13.08
N HIS A 25 -32.68 -6.84 -12.29
CA HIS A 25 -33.29 -6.67 -10.98
C HIS A 25 -32.20 -6.50 -9.94
N LEU A 26 -31.46 -5.40 -10.05
CA LEU A 26 -30.31 -5.16 -9.18
C LEU A 26 -30.70 -4.42 -7.89
N LYS A 27 -29.87 -4.60 -6.85
CA LYS A 27 -30.10 -4.00 -5.54
C LYS A 27 -28.85 -3.27 -5.07
N ILE A 28 -29.04 -2.24 -4.24
CA ILE A 28 -27.94 -1.56 -3.56
C ILE A 28 -28.13 -1.57 -2.04
N GLY A 29 -27.06 -1.89 -1.31
CA GLY A 29 -27.15 -2.08 0.14
C GLY A 29 -26.47 -1.00 0.97
N ILE A 30 -27.19 -0.50 1.97
CA ILE A 30 -26.67 0.49 2.90
C ILE A 30 -25.78 -0.19 3.95
N VAL A 31 -24.48 0.06 3.87
CA VAL A 31 -23.51 -0.64 4.71
C VAL A 31 -22.66 0.36 5.51
N GLY A 32 -22.49 0.07 6.79
CA GLY A 32 -21.68 0.91 7.66
C GLY A 32 -21.66 0.42 9.10
N LEU A 33 -20.84 1.07 9.92
CA LEU A 33 -20.73 0.75 11.34
C LEU A 33 -21.98 1.20 12.11
N PRO A 34 -22.14 0.74 13.38
CA PRO A 34 -23.38 1.03 14.11
C PRO A 34 -23.66 2.51 14.33
N ASN A 35 -24.95 2.85 14.28
CA ASN A 35 -25.45 4.21 14.54
C ASN A 35 -24.71 5.33 13.79
N VAL A 36 -24.71 5.23 12.47
CA VAL A 36 -24.10 6.25 11.60
C VAL A 36 -25.14 6.95 10.72
N GLY A 37 -26.40 6.52 10.84
CA GLY A 37 -27.51 7.14 10.12
C GLY A 37 -28.08 6.31 8.99
N LYS A 38 -27.73 5.03 8.95
CA LYS A 38 -28.18 4.12 7.90
C LYS A 38 -29.71 4.06 7.78
N SER A 39 -30.38 3.71 8.88
CA SER A 39 -31.82 3.50 8.85
C SER A 39 -32.59 4.82 8.74
N THR A 40 -32.04 5.89 9.32
CA THR A 40 -32.61 7.22 9.14
C THR A 40 -32.62 7.52 7.65
N PHE A 41 -31.48 7.33 7.00
CA PHE A 41 -31.36 7.48 5.55
C PHE A 41 -32.38 6.60 4.83
N PHE A 42 -32.48 5.34 5.25
CA PHE A 42 -33.44 4.40 4.66
C PHE A 42 -34.89 4.87 4.82
N ASN A 43 -35.21 5.39 6.00
CA ASN A 43 -36.56 5.88 6.29
C ASN A 43 -36.93 7.09 5.43
N ILE A 44 -35.94 7.95 5.15
CA ILE A 44 -36.11 9.08 4.24
C ILE A 44 -36.37 8.56 2.82
N VAL A 45 -35.69 7.46 2.49
CA VAL A 45 -35.87 6.76 1.23
C VAL A 45 -37.27 6.13 1.15
N THR A 46 -37.67 5.40 2.19
CA THR A 46 -38.99 4.77 2.28
C THR A 46 -40.11 5.81 2.11
N LYS A 47 -40.03 6.92 2.85
CA LYS A 47 -41.02 7.99 2.79
C LYS A 47 -41.12 8.57 1.38
N LEU A 48 -40.14 8.24 0.54
CA LEU A 48 -40.12 8.67 -0.87
C LEU A 48 -40.16 7.48 -1.84
N SER A 49 -40.60 6.32 -1.37
CA SER A 49 -40.59 5.10 -2.18
C SER A 49 -41.90 4.82 -2.92
N ILE A 50 -41.80 3.98 -3.95
CA ILE A 50 -42.96 3.50 -4.70
C ILE A 50 -43.69 2.47 -3.85
N PRO A 51 -45.03 2.59 -3.73
CA PRO A 51 -45.80 1.63 -2.93
C PRO A 51 -45.59 0.18 -3.37
N ALA A 52 -45.45 -0.72 -2.40
CA ALA A 52 -45.11 -2.13 -2.62
C ALA A 52 -46.07 -2.89 -3.54
N GLU A 53 -47.34 -2.47 -3.56
CA GLU A 53 -48.36 -3.12 -4.38
C GLU A 53 -48.22 -2.83 -5.87
N ASN A 54 -47.37 -1.86 -6.21
CA ASN A 54 -47.06 -1.54 -7.60
C ASN A 54 -46.12 -2.54 -8.26
N PHE A 55 -45.59 -3.47 -7.46
CA PHE A 55 -44.72 -4.54 -7.96
C PHE A 55 -45.31 -5.91 -7.61
N PRO A 56 -46.40 -6.31 -8.31
CA PRO A 56 -47.15 -7.52 -7.97
C PRO A 56 -46.34 -8.79 -8.12
N PHE A 57 -45.37 -8.77 -9.03
CA PHE A 57 -44.47 -9.90 -9.25
C PHE A 57 -43.46 -10.09 -8.11
N CYS A 58 -43.41 -9.15 -7.17
CA CYS A 58 -42.35 -9.10 -6.17
C CYS A 58 -42.87 -9.17 -4.73
N THR A 59 -41.98 -9.60 -3.83
CA THR A 59 -42.22 -9.56 -2.39
C THR A 59 -41.19 -8.62 -1.78
N ILE A 60 -41.65 -7.47 -1.33
CA ILE A 60 -40.74 -6.44 -0.80
C ILE A 60 -40.72 -6.47 0.72
N ASP A 61 -39.55 -6.82 1.27
CA ASP A 61 -39.34 -6.87 2.72
C ASP A 61 -39.33 -5.48 3.35
N PRO A 62 -39.55 -5.39 4.68
CA PRO A 62 -39.55 -4.09 5.37
C PRO A 62 -38.22 -3.33 5.27
N ASN A 63 -37.12 -4.07 5.08
CA ASN A 63 -35.79 -3.45 4.90
C ASN A 63 -35.47 -3.11 3.43
N GLU A 64 -36.44 -3.29 2.54
CA GLU A 64 -36.28 -2.98 1.13
C GLU A 64 -37.19 -1.84 0.71
N ALA A 65 -36.71 -1.03 -0.23
CA ALA A 65 -37.49 0.08 -0.79
C ALA A 65 -37.09 0.30 -2.23
N ARG A 66 -38.06 0.73 -3.05
CA ARG A 66 -37.78 1.07 -4.45
C ARG A 66 -38.15 2.52 -4.68
N VAL A 67 -37.16 3.31 -5.11
CA VAL A 67 -37.35 4.74 -5.33
C VAL A 67 -37.19 5.09 -6.81
N TYR A 68 -37.99 6.05 -7.27
CA TYR A 68 -37.88 6.54 -8.64
C TYR A 68 -36.55 7.26 -8.85
N VAL A 69 -35.98 7.08 -10.04
CA VAL A 69 -34.78 7.79 -10.44
C VAL A 69 -35.19 9.07 -11.17
N PRO A 70 -34.82 10.24 -10.62
CA PRO A 70 -35.12 11.50 -11.31
C PRO A 70 -34.27 11.64 -12.56
N ASP A 71 -34.84 12.24 -13.61
CA ASP A 71 -34.11 12.49 -14.85
C ASP A 71 -34.67 13.71 -15.59
N GLU A 72 -33.79 14.69 -15.82
CA GLU A 72 -34.19 15.96 -16.44
C GLU A 72 -34.53 15.78 -17.92
N ARG A 73 -33.88 14.81 -18.58
CA ARG A 73 -34.22 14.44 -19.95
C ARG A 73 -35.61 13.78 -20.02
N PHE A 74 -35.90 12.94 -19.02
CA PHE A 74 -37.19 12.25 -18.94
C PHE A 74 -38.34 13.23 -18.80
N ASP A 75 -38.15 14.26 -17.99
CA ASP A 75 -39.17 15.27 -17.74
C ASP A 75 -39.38 16.17 -18.97
N TRP A 76 -38.30 16.40 -19.71
CA TRP A 76 -38.35 17.15 -20.96
C TRP A 76 -39.13 16.39 -22.01
N LEU A 77 -38.97 15.07 -22.02
CA LEU A 77 -39.69 14.17 -22.92
C LEU A 77 -41.16 14.01 -22.54
N CYS A 78 -41.54 14.56 -21.39
CA CYS A 78 -42.93 14.56 -20.95
C CYS A 78 -43.60 15.88 -21.32
N GLN A 79 -42.90 16.99 -21.08
CA GLN A 79 -43.35 18.31 -21.48
C GLN A 79 -43.10 18.55 -22.98
N LEU A 80 -43.21 17.48 -23.76
CA LEU A 80 -43.09 17.53 -25.22
C LEU A 80 -43.94 16.45 -25.87
N TYR A 81 -44.46 15.54 -25.06
CA TYR A 81 -45.27 14.44 -25.56
C TYR A 81 -46.61 14.32 -24.83
N LYS A 82 -46.60 14.62 -23.53
CA LYS A 82 -47.76 14.44 -22.65
C LYS A 82 -48.43 13.07 -22.84
N PRO A 83 -47.74 11.98 -22.46
CA PRO A 83 -48.28 10.63 -22.69
C PRO A 83 -49.41 10.29 -21.73
N LYS A 84 -50.07 9.15 -21.97
CA LYS A 84 -51.09 8.63 -21.05
C LYS A 84 -50.44 8.12 -19.76
N SER A 85 -49.26 7.52 -19.89
CA SER A 85 -48.49 7.04 -18.75
C SER A 85 -47.04 7.50 -18.82
N GLU A 86 -46.52 7.95 -17.67
CA GLU A 86 -45.10 8.26 -17.51
C GLU A 86 -44.48 7.24 -16.56
N VAL A 87 -43.44 6.56 -17.02
CA VAL A 87 -42.77 5.52 -16.23
C VAL A 87 -41.28 5.81 -16.06
N SER A 88 -40.89 6.21 -14.85
CA SER A 88 -39.48 6.37 -14.50
C SER A 88 -38.87 5.02 -14.18
N ALA A 89 -37.54 4.97 -14.20
CA ALA A 89 -36.81 3.80 -13.71
C ALA A 89 -36.71 3.89 -12.19
N TYR A 90 -36.37 2.78 -11.54
CA TYR A 90 -36.26 2.75 -10.09
C TYR A 90 -34.97 2.11 -9.60
N LEU A 91 -34.55 2.53 -8.41
CA LEU A 91 -33.43 1.91 -7.72
C LEU A 91 -33.97 1.17 -6.50
N GLU A 92 -33.57 -0.09 -6.35
CA GLU A 92 -33.90 -0.84 -5.16
C GLU A 92 -32.80 -0.66 -4.13
N ILE A 93 -33.20 -0.21 -2.94
CA ILE A 93 -32.27 0.00 -1.84
C ILE A 93 -32.60 -0.98 -0.71
N ASN A 94 -31.57 -1.60 -0.16
CA ASN A 94 -31.71 -2.52 0.98
C ASN A 94 -31.00 -1.98 2.21
N ASP A 95 -31.75 -1.91 3.31
CA ASP A 95 -31.19 -1.51 4.60
C ASP A 95 -30.64 -2.72 5.34
N ILE A 96 -29.32 -2.72 5.53
CA ILE A 96 -28.66 -3.74 6.34
C ILE A 96 -28.26 -3.09 7.65
N ALA A 97 -28.39 -3.83 8.76
CA ALA A 97 -28.00 -3.35 10.08
C ALA A 97 -26.49 -3.09 10.18
N GLY A 98 -26.06 -2.45 11.26
CA GLY A 98 -24.66 -2.11 11.47
C GLY A 98 -23.79 -3.27 11.90
N LEU A 99 -22.53 -3.25 11.50
CA LEU A 99 -21.57 -4.30 11.84
C LEU A 99 -21.14 -4.22 13.30
N VAL A 100 -21.52 -5.23 14.08
CA VAL A 100 -21.07 -5.37 15.45
C VAL A 100 -20.53 -6.78 15.66
N ARG A 101 -19.25 -6.96 15.34
CA ARG A 101 -18.58 -8.25 15.44
C ARG A 101 -17.07 -8.08 15.65
N ASN A 111 -21.62 -13.80 9.81
CA ASN A 111 -22.68 -12.87 10.20
C ASN A 111 -23.89 -12.98 9.27
N ALA A 112 -25.05 -12.52 9.76
CA ALA A 112 -26.23 -12.31 8.91
C ALA A 112 -26.07 -11.01 8.13
N PHE A 113 -25.01 -10.28 8.49
CA PHE A 113 -24.59 -9.04 7.83
C PHE A 113 -23.96 -9.37 6.48
N LEU A 114 -23.04 -10.34 6.48
CA LEU A 114 -22.32 -10.77 5.28
C LEU A 114 -23.23 -11.49 4.28
N SER A 115 -24.27 -12.14 4.78
CA SER A 115 -25.24 -12.81 3.92
C SER A 115 -26.27 -11.83 3.37
N HIS A 116 -26.38 -10.67 4.01
CA HIS A 116 -27.24 -9.59 3.53
C HIS A 116 -26.58 -8.80 2.43
N ILE A 117 -25.26 -8.67 2.53
CA ILE A 117 -24.47 -8.01 1.49
C ILE A 117 -24.37 -8.91 0.25
N ARG A 118 -24.36 -10.23 0.47
CA ARG A 118 -24.35 -11.19 -0.63
C ARG A 118 -25.57 -11.02 -1.55
N ALA A 119 -26.67 -10.55 -0.96
CA ALA A 119 -27.93 -10.38 -1.70
C ALA A 119 -27.99 -9.08 -2.51
N VAL A 120 -27.05 -8.18 -2.30
CA VAL A 120 -27.02 -6.91 -3.04
C VAL A 120 -25.89 -6.84 -4.08
N ASP A 121 -25.93 -5.84 -4.95
CA ASP A 121 -25.03 -5.74 -6.10
C ASP A 121 -24.08 -4.56 -6.00
N GLY A 122 -24.48 -3.58 -5.20
CA GLY A 122 -23.65 -2.41 -4.90
C GLY A 122 -23.86 -1.99 -3.47
N ILE A 123 -23.05 -1.03 -3.03
CA ILE A 123 -23.02 -0.63 -1.62
C ILE A 123 -23.08 0.89 -1.48
N PHE A 124 -23.99 1.36 -0.63
CA PHE A 124 -23.91 2.72 -0.10
C PHE A 124 -23.12 2.63 1.20
N HIS A 125 -21.85 3.01 1.15
CA HIS A 125 -20.98 3.01 2.32
C HIS A 125 -21.20 4.27 3.11
N VAL A 126 -21.90 4.16 4.23
CA VAL A 126 -22.24 5.33 5.04
C VAL A 126 -21.20 5.56 6.14
N LEU A 127 -20.65 6.78 6.18
CA LEU A 127 -19.59 7.13 7.12
C LEU A 127 -20.02 8.21 8.11
N ARG A 128 -19.54 8.07 9.35
CA ARG A 128 -19.77 9.07 10.38
C ARG A 128 -18.75 10.20 10.25
N ALA A 129 -19.25 11.42 10.18
CA ALA A 129 -18.40 12.61 10.15
C ALA A 129 -19.06 13.76 10.91
N PHE A 130 -19.71 13.42 12.02
CA PHE A 130 -20.37 14.39 12.88
C PHE A 130 -20.01 14.16 14.34
N GLU A 131 -20.15 15.20 15.16
CA GLU A 131 -19.81 15.11 16.58
C GLU A 131 -21.06 14.96 17.45
N ASP A 132 -20.97 14.07 18.44
CA ASP A 132 -22.10 13.78 19.33
C ASP A 132 -22.30 14.85 20.39
N SER A 141 -14.54 7.43 19.49
CA SER A 141 -13.68 8.29 18.68
C SER A 141 -14.20 8.38 17.25
N VAL A 142 -14.50 9.60 16.81
CA VAL A 142 -14.98 9.84 15.45
C VAL A 142 -13.80 9.81 14.47
N ASP A 143 -13.71 8.72 13.73
CA ASP A 143 -12.63 8.51 12.76
C ASP A 143 -13.12 7.67 11.56
N PRO A 144 -13.68 8.33 10.54
CA PRO A 144 -14.26 7.66 9.37
C PRO A 144 -13.23 6.88 8.55
N VAL A 145 -11.99 7.36 8.53
CA VAL A 145 -10.90 6.67 7.82
C VAL A 145 -10.67 5.28 8.43
N ARG A 146 -10.66 5.22 9.77
CA ARG A 146 -10.55 3.96 10.49
C ARG A 146 -11.72 3.05 10.12
N ASP A 147 -12.91 3.64 10.02
CA ASP A 147 -14.12 2.92 9.66
C ASP A 147 -14.09 2.40 8.23
N LEU A 148 -13.42 3.13 7.34
CA LEU A 148 -13.19 2.70 5.97
C LEU A 148 -12.27 1.49 5.91
N GLU A 149 -11.30 1.44 6.82
CA GLU A 149 -10.40 0.29 6.95
C GLU A 149 -11.13 -0.87 7.63
N THR A 150 -11.93 -0.55 8.64
CA THR A 150 -12.63 -1.57 9.44
C THR A 150 -13.60 -2.39 8.59
N ILE A 151 -14.50 -1.72 7.88
CA ILE A 151 -15.40 -2.38 6.93
C ILE A 151 -14.59 -3.03 5.81
N GLY A 152 -13.55 -2.33 5.35
CA GLY A 152 -12.66 -2.81 4.30
C GLY A 152 -12.06 -4.18 4.61
N GLU A 153 -11.43 -4.29 5.78
CA GLU A 153 -10.84 -5.55 6.25
C GLU A 153 -11.89 -6.65 6.33
N GLU A 154 -13.01 -6.36 7.01
CA GLU A 154 -14.08 -7.32 7.21
C GLU A 154 -14.59 -7.90 5.88
N LEU A 155 -14.63 -7.06 4.85
CA LEU A 155 -15.07 -7.51 3.52
C LEU A 155 -13.99 -8.32 2.80
N ARG A 156 -12.74 -7.84 2.82
CA ARG A 156 -11.62 -8.58 2.22
C ARG A 156 -11.48 -9.96 2.83
N LEU A 157 -11.53 -10.03 4.16
CA LEU A 157 -11.34 -11.29 4.89
C LEU A 157 -12.42 -12.32 4.57
N LYS A 158 -13.67 -11.87 4.53
CA LYS A 158 -14.80 -12.74 4.18
C LYS A 158 -14.65 -13.29 2.76
N ASP A 159 -14.06 -12.49 1.87
CA ASP A 159 -13.79 -12.94 0.51
C ASP A 159 -12.70 -14.01 0.49
N ILE A 160 -11.68 -13.84 1.32
CA ILE A 160 -10.59 -14.81 1.45
C ILE A 160 -11.12 -16.16 1.94
N GLU A 161 -12.07 -16.13 2.87
CA GLU A 161 -12.75 -17.32 3.35
C GLU A 161 -13.49 -18.05 2.23
N PHE A 162 -14.12 -17.28 1.34
CA PHE A 162 -14.83 -17.83 0.19
C PHE A 162 -13.86 -18.43 -0.83
N VAL A 163 -12.80 -17.68 -1.14
CA VAL A 163 -11.82 -18.10 -2.14
C VAL A 163 -11.03 -19.32 -1.67
N GLN A 164 -10.67 -19.34 -0.38
CA GLN A 164 -9.95 -20.48 0.20
C GLN A 164 -10.79 -21.75 0.14
N ASN A 165 -12.07 -21.63 0.50
CA ASN A 165 -13.02 -22.74 0.42
C ASN A 165 -13.16 -23.27 -1.00
N LYS A 166 -13.09 -22.39 -1.98
CA LYS A 166 -13.12 -22.79 -3.39
C LYS A 166 -11.85 -23.55 -3.78
N ILE A 167 -10.69 -23.02 -3.41
CA ILE A 167 -9.41 -23.67 -3.70
C ILE A 167 -9.39 -25.09 -3.12
N ASP A 168 -9.87 -25.24 -1.90
CA ASP A 168 -9.98 -26.54 -1.23
C ASP A 168 -10.93 -27.49 -1.96
N ASP A 169 -12.00 -26.95 -2.53
CA ASP A 169 -12.97 -27.73 -3.30
C ASP A 169 -12.45 -28.07 -4.69
N LEU A 170 -11.76 -27.13 -5.31
CA LEU A 170 -11.15 -27.32 -6.64
C LEU A 170 -10.03 -28.35 -6.59
N GLU A 171 -9.22 -28.30 -5.54
CA GLU A 171 -8.12 -29.24 -5.37
C GLU A 171 -8.59 -30.68 -5.20
N LYS A 172 -9.69 -30.87 -4.46
CA LYS A 172 -10.28 -32.19 -4.27
C LYS A 172 -10.77 -32.78 -5.60
N SER A 173 -11.44 -31.96 -6.40
CA SER A 173 -11.97 -32.38 -7.70
C SER A 173 -10.87 -32.74 -8.68
N MET A 174 -9.79 -31.97 -8.67
CA MET A 174 -8.66 -32.18 -9.57
C MET A 174 -7.88 -33.47 -9.29
N LYS A 175 -8.07 -34.02 -8.09
CA LYS A 175 -7.53 -35.33 -7.72
C LYS A 175 -8.26 -36.46 -8.45
N ARG A 176 -9.50 -36.19 -8.90
CA ARG A 176 -10.32 -37.22 -9.54
C ARG A 176 -10.85 -36.83 -10.93
N SER A 177 -10.51 -35.63 -11.40
CA SER A 177 -10.98 -35.15 -12.70
C SER A 177 -9.90 -34.40 -13.47
N ASN A 178 -10.08 -34.28 -14.79
CA ASN A 178 -9.12 -33.59 -15.65
C ASN A 178 -9.74 -32.53 -16.56
N ASP A 179 -10.82 -31.93 -16.08
CA ASP A 179 -11.49 -30.85 -16.83
C ASP A 179 -10.59 -29.62 -16.90
N LYS A 180 -10.48 -29.05 -18.10
CA LYS A 180 -9.67 -27.85 -18.33
C LYS A 180 -10.19 -26.64 -17.55
N GLN A 181 -11.47 -26.65 -17.21
CA GLN A 181 -12.10 -25.60 -16.42
C GLN A 181 -11.63 -25.56 -14.97
N LEU A 182 -11.42 -26.74 -14.39
CA LEU A 182 -11.00 -26.87 -12.99
C LEU A 182 -9.63 -26.25 -12.72
N LYS A 183 -8.73 -26.36 -13.70
CA LYS A 183 -7.40 -25.74 -13.61
C LYS A 183 -7.51 -24.23 -13.74
N LEU A 184 -8.26 -23.76 -14.74
CA LEU A 184 -8.46 -22.33 -15.00
C LEU A 184 -9.08 -21.60 -13.81
N GLU A 185 -10.05 -22.24 -13.17
CA GLU A 185 -10.70 -21.68 -11.99
C GLU A 185 -9.76 -21.63 -10.80
N HIS A 186 -8.96 -22.68 -10.62
CA HIS A 186 -7.96 -22.73 -9.56
C HIS A 186 -6.88 -21.71 -9.75
N GLU A 187 -6.46 -21.54 -11.01
CA GLU A 187 -5.45 -20.56 -11.38
C GLU A 187 -5.93 -19.14 -11.06
N LEU A 188 -7.20 -18.86 -11.38
CA LEU A 188 -7.81 -17.56 -11.07
C LEU A 188 -7.90 -17.32 -9.56
N CYS A 189 -8.50 -18.28 -8.86
CA CYS A 189 -8.65 -18.24 -7.40
C CYS A 189 -7.36 -17.84 -6.70
N GLU A 190 -6.27 -18.50 -7.09
CA GLU A 190 -4.94 -18.27 -6.50
C GLU A 190 -4.46 -16.83 -6.76
N LYS A 191 -4.75 -16.33 -7.96
CA LYS A 191 -4.44 -14.93 -8.31
C LYS A 191 -5.28 -13.95 -7.50
N VAL A 192 -6.54 -14.32 -7.27
CA VAL A 192 -7.47 -13.51 -6.48
C VAL A 192 -7.08 -13.53 -5.01
N LYS A 193 -6.66 -14.70 -4.53
CA LYS A 193 -6.22 -14.88 -3.14
C LYS A 193 -5.04 -13.98 -2.80
N ALA A 194 -4.08 -13.88 -3.72
CA ALA A 194 -2.90 -13.04 -3.54
C ALA A 194 -3.25 -11.56 -3.61
N HIS A 195 -4.26 -11.24 -4.42
CA HIS A 195 -4.74 -9.87 -4.58
C HIS A 195 -5.40 -9.38 -3.32
N LEU A 196 -6.29 -10.21 -2.77
CA LEU A 196 -6.99 -9.89 -1.53
C LEU A 196 -6.05 -9.80 -0.32
N GLU A 197 -5.05 -10.69 -0.29
CA GLU A 197 -4.08 -10.73 0.81
C GLU A 197 -3.14 -9.52 0.82
N ASP A 198 -2.96 -8.90 -0.34
CA ASP A 198 -2.16 -7.68 -0.46
C ASP A 198 -2.97 -6.44 -0.09
N GLY A 199 -4.21 -6.65 0.37
CA GLY A 199 -5.08 -5.57 0.84
C GLY A 199 -5.99 -4.96 -0.22
N LYS A 200 -5.77 -5.35 -1.49
CA LYS A 200 -6.52 -4.80 -2.62
C LYS A 200 -7.90 -5.44 -2.79
N ASP A 201 -8.82 -4.69 -3.39
CA ASP A 201 -10.18 -5.18 -3.65
C ASP A 201 -10.29 -5.79 -5.03
N VAL A 202 -11.16 -6.80 -5.15
CA VAL A 202 -11.33 -7.57 -6.38
C VAL A 202 -11.64 -6.68 -7.60
N ARG A 203 -12.55 -5.73 -7.44
CA ARG A 203 -13.00 -4.89 -8.55
C ARG A 203 -11.92 -3.96 -9.08
N PHE A 204 -10.82 -3.84 -8.35
CA PHE A 204 -9.71 -2.97 -8.75
C PHE A 204 -8.51 -3.73 -9.35
N GLY A 205 -8.63 -5.05 -9.44
CA GLY A 205 -7.64 -5.85 -10.14
C GLY A 205 -7.80 -5.71 -11.64
N ASP A 206 -6.74 -6.05 -12.37
CA ASP A 206 -6.78 -6.05 -13.83
C ASP A 206 -7.04 -7.46 -14.36
N TRP A 207 -8.30 -7.75 -14.64
CA TRP A 207 -8.73 -9.10 -15.02
C TRP A 207 -9.00 -9.24 -16.48
N LYS A 208 -8.81 -10.46 -17.00
CA LYS A 208 -9.16 -10.80 -18.38
C LYS A 208 -10.66 -11.08 -18.48
N SER A 209 -11.15 -11.20 -19.72
CA SER A 209 -12.57 -11.50 -19.97
C SER A 209 -13.03 -12.79 -19.29
N ALA A 210 -12.28 -13.87 -19.50
CA ALA A 210 -12.57 -15.17 -18.91
C ALA A 210 -12.38 -15.17 -17.39
N ASP A 211 -11.53 -14.27 -16.91
CA ASP A 211 -11.34 -14.05 -15.47
C ASP A 211 -12.60 -13.47 -14.83
N ILE A 212 -13.18 -12.47 -15.47
CA ILE A 212 -14.40 -11.80 -15.00
C ILE A 212 -15.60 -12.75 -14.99
N GLU A 213 -15.73 -13.55 -16.04
CA GLU A 213 -16.83 -14.52 -16.17
C GLU A 213 -16.88 -15.51 -14.99
N ILE A 214 -15.71 -15.96 -14.53
CA ILE A 214 -15.62 -16.85 -13.38
C ILE A 214 -15.84 -16.09 -12.07
N LEU A 215 -15.32 -14.86 -11.99
CA LEU A 215 -15.52 -13.99 -10.82
C LEU A 215 -16.99 -13.65 -10.59
N ASN A 216 -17.73 -13.46 -11.69
CA ASN A 216 -19.18 -13.25 -11.62
C ASN A 216 -19.93 -14.45 -11.07
N THR A 217 -19.34 -15.63 -11.19
CA THR A 217 -19.89 -16.88 -10.68
C THR A 217 -19.78 -16.94 -9.15
N PHE A 218 -18.87 -16.14 -8.60
CA PHE A 218 -18.66 -16.11 -7.16
C PHE A 218 -19.44 -14.98 -6.49
N GLN A 219 -19.60 -13.87 -7.21
CA GLN A 219 -20.20 -12.65 -6.67
C GLN A 219 -19.54 -12.25 -5.35
N LEU A 220 -18.25 -11.93 -5.43
CA LEU A 220 -17.45 -11.59 -4.25
C LEU A 220 -17.82 -10.22 -3.72
N LEU A 221 -17.67 -10.05 -2.39
CA LEU A 221 -18.08 -8.83 -1.70
C LEU A 221 -17.34 -7.57 -2.17
N THR A 222 -16.02 -7.69 -2.34
CA THR A 222 -15.20 -6.55 -2.74
C THR A 222 -15.15 -6.37 -4.26
N ALA A 223 -16.03 -7.09 -4.97
CA ALA A 223 -16.24 -6.87 -6.39
C ALA A 223 -17.37 -5.86 -6.59
N LYS A 224 -18.22 -5.73 -5.56
CA LYS A 224 -19.38 -4.85 -5.61
C LYS A 224 -18.99 -3.37 -5.53
N PRO A 225 -19.42 -2.56 -6.52
CA PRO A 225 -19.13 -1.13 -6.54
C PRO A 225 -19.67 -0.43 -5.29
N VAL A 226 -18.97 0.58 -4.81
CA VAL A 226 -19.46 1.36 -3.68
C VAL A 226 -19.57 2.84 -4.00
N VAL A 227 -20.54 3.48 -3.34
CA VAL A 227 -20.65 4.92 -3.30
C VAL A 227 -20.48 5.30 -1.84
N TYR A 228 -19.61 6.27 -1.57
CA TYR A 228 -19.38 6.74 -0.20
C TYR A 228 -20.36 7.86 0.14
N LEU A 229 -21.16 7.65 1.17
CA LEU A 229 -22.10 8.65 1.65
C LEU A 229 -21.65 9.11 3.03
N VAL A 230 -21.08 10.32 3.09
CA VAL A 230 -20.48 10.80 4.33
C VAL A 230 -21.45 11.70 5.10
N ASN A 231 -21.92 11.18 6.21
CA ASN A 231 -22.93 11.81 7.04
C ASN A 231 -22.33 12.84 7.99
N MET A 232 -22.90 14.03 7.99
CA MET A 232 -22.41 15.15 8.79
C MET A 232 -23.57 16.01 9.28
N SER A 233 -23.27 16.98 10.13
CA SER A 233 -24.25 17.94 10.64
C SER A 233 -24.81 18.80 9.50
N GLU A 234 -26.02 19.32 9.70
CA GLU A 234 -26.63 20.23 8.74
C GLU A 234 -25.70 21.41 8.46
N LYS A 235 -25.18 22.00 9.55
CA LYS A 235 -24.27 23.13 9.45
C LYS A 235 -23.08 22.85 8.51
N ASP A 236 -22.39 21.73 8.73
CA ASP A 236 -21.28 21.31 7.88
C ASP A 236 -21.70 21.16 6.41
N TYR A 237 -22.77 20.38 6.20
CA TYR A 237 -23.29 20.14 4.85
C TYR A 237 -23.68 21.44 4.14
N GLN A 238 -24.33 22.35 4.86
CA GLN A 238 -24.78 23.61 4.29
C GLN A 238 -23.60 24.49 3.85
N ARG A 239 -22.60 24.61 4.70
CA ARG A 239 -21.44 25.45 4.38
C ARG A 239 -20.35 24.69 3.61
N LYS A 240 -20.72 23.52 3.10
CA LYS A 240 -19.85 22.68 2.26
C LYS A 240 -18.43 22.52 2.78
N LYS A 241 -18.31 22.30 4.09
CA LYS A 241 -17.01 22.13 4.74
C LYS A 241 -17.10 21.17 5.91
N ASN A 242 -16.24 20.16 5.89
CA ASN A 242 -16.18 19.16 6.96
C ASN A 242 -14.74 18.79 7.28
N LYS A 243 -14.42 18.74 8.57
CA LYS A 243 -13.05 18.47 9.05
C LYS A 243 -12.50 17.09 8.68
N PHE A 244 -13.38 16.10 8.50
CA PHE A 244 -12.95 14.73 8.18
C PHE A 244 -12.85 14.46 6.69
N LEU A 245 -13.45 15.32 5.89
CA LEU A 245 -13.57 15.10 4.44
C LEU A 245 -12.23 15.05 3.68
N PRO A 246 -11.31 16.01 3.93
CA PRO A 246 -10.03 15.97 3.22
C PRO A 246 -9.27 14.64 3.41
N LYS A 247 -9.40 14.05 4.59
CA LYS A 247 -8.78 12.75 4.88
C LYS A 247 -9.51 11.61 4.15
N ILE A 248 -10.84 11.58 4.26
CA ILE A 248 -11.67 10.60 3.55
C ILE A 248 -11.36 10.67 2.06
N HIS A 249 -11.34 11.88 1.52
CA HIS A 249 -11.05 12.11 0.12
C HIS A 249 -9.71 11.58 -0.29
N ALA A 250 -8.70 11.82 0.54
CA ALA A 250 -7.34 11.36 0.27
C ALA A 250 -7.23 9.83 0.31
N TRP A 251 -7.96 9.21 1.24
CA TRP A 251 -8.03 7.75 1.35
C TRP A 251 -8.68 7.12 0.16
N VAL A 252 -9.85 7.62 -0.21
CA VAL A 252 -10.62 7.10 -1.36
C VAL A 252 -9.79 7.16 -2.64
N GLN A 253 -9.19 8.31 -2.90
CA GLN A 253 -8.31 8.50 -4.06
C GLN A 253 -7.18 7.48 -4.11
N GLU A 254 -6.76 7.01 -2.94
CA GLU A 254 -5.72 6.00 -2.84
C GLU A 254 -6.29 4.58 -2.89
N HIS A 255 -7.61 4.47 -2.83
CA HIS A 255 -8.31 3.17 -2.83
C HIS A 255 -9.44 3.07 -3.81
N GLY A 256 -9.18 3.45 -5.07
CA GLY A 256 -10.15 3.24 -6.15
C GLY A 256 -10.81 4.48 -6.73
N GLY A 257 -10.81 5.57 -5.98
CA GLY A 257 -11.33 6.86 -6.46
C GLY A 257 -12.80 6.88 -6.82
N GLU A 258 -13.60 6.13 -6.06
CA GLU A 258 -15.05 6.11 -6.24
C GLU A 258 -15.71 7.37 -5.72
N THR A 259 -16.99 7.56 -6.06
CA THR A 259 -17.73 8.77 -5.75
C THR A 259 -17.98 8.94 -4.26
N ILE A 260 -17.77 10.17 -3.78
CA ILE A 260 -18.04 10.55 -2.40
C ILE A 260 -19.16 11.60 -2.41
N ILE A 261 -20.25 11.30 -1.71
CA ILE A 261 -21.34 12.26 -1.57
C ILE A 261 -21.51 12.66 -0.11
N PRO A 262 -21.16 13.93 0.21
CA PRO A 262 -21.46 14.44 1.55
C PRO A 262 -22.95 14.73 1.68
N PHE A 263 -23.52 14.40 2.84
CA PHE A 263 -24.94 14.63 3.08
C PHE A 263 -25.22 14.72 4.58
N SER A 264 -26.30 15.41 4.94
CA SER A 264 -26.72 15.52 6.33
C SER A 264 -28.01 14.78 6.58
N CYS A 265 -27.91 13.62 7.23
CA CYS A 265 -29.05 12.77 7.53
C CYS A 265 -30.14 13.52 8.29
N ALA A 266 -29.73 14.29 9.28
CA ALA A 266 -30.65 15.10 10.08
C ALA A 266 -31.43 16.05 9.20
N PHE A 267 -30.71 16.80 8.37
CA PHE A 267 -31.34 17.76 7.46
C PHE A 267 -32.32 17.10 6.48
N GLU A 268 -31.91 16.00 5.87
CA GLU A 268 -32.77 15.29 4.91
C GLU A 268 -34.02 14.74 5.59
N ARG A 269 -33.86 14.24 6.81
CA ARG A 269 -34.98 13.79 7.66
C ARG A 269 -35.95 14.93 7.90
N LEU A 270 -35.40 16.09 8.26
CA LEU A 270 -36.17 17.30 8.54
C LEU A 270 -36.94 17.80 7.31
N LEU A 271 -36.30 17.72 6.15
CA LEU A 271 -36.91 18.18 4.90
C LEU A 271 -38.02 17.24 4.44
N ALA A 272 -37.83 15.94 4.65
CA ALA A 272 -38.81 14.92 4.23
C ALA A 272 -40.13 15.04 5.00
N ASP A 273 -40.05 15.41 6.27
CA ASP A 273 -41.22 15.57 7.14
C ASP A 273 -41.97 16.89 6.90
N MET A 274 -41.52 17.65 5.90
CA MET A 274 -42.14 18.91 5.54
C MET A 274 -43.00 18.79 4.29
N PRO A 275 -44.06 19.62 4.19
CA PRO A 275 -44.80 19.73 2.92
C PRO A 275 -44.00 20.57 1.91
N PRO A 276 -44.15 20.27 0.61
CA PRO A 276 -43.44 20.98 -0.47
C PRO A 276 -43.36 22.50 -0.29
N ASP A 277 -44.46 23.11 0.16
CA ASP A 277 -44.51 24.55 0.40
C ASP A 277 -43.41 25.01 1.35
N GLU A 278 -43.42 24.47 2.57
CA GLU A 278 -42.46 24.80 3.61
C GLU A 278 -41.05 24.37 3.24
N ALA A 279 -40.94 23.17 2.65
CA ALA A 279 -39.65 22.59 2.25
C ALA A 279 -38.86 23.50 1.31
N ALA A 280 -39.54 24.05 0.30
CA ALA A 280 -38.92 24.96 -0.66
C ALA A 280 -38.54 26.29 -0.01
N LYS A 281 -39.35 26.73 0.94
CA LYS A 281 -39.10 27.95 1.71
C LYS A 281 -37.88 27.80 2.61
N TYR A 282 -37.77 26.65 3.27
CA TYR A 282 -36.64 26.33 4.15
C TYR A 282 -35.32 26.32 3.37
N CYS A 283 -35.37 25.80 2.14
CA CYS A 283 -34.19 25.67 1.29
C CYS A 283 -33.66 27.02 0.81
N ALA A 284 -34.56 27.88 0.32
CA ALA A 284 -34.20 29.19 -0.20
C ALA A 284 -33.68 30.10 0.93
N GLU A 285 -34.36 30.04 2.07
CA GLU A 285 -33.99 30.87 3.23
C GLU A 285 -32.65 30.49 3.85
N ASN A 286 -32.37 29.19 3.90
CA ASN A 286 -31.13 28.69 4.48
C ASN A 286 -30.01 28.44 3.46
N GLN A 287 -30.30 28.71 2.19
CA GLN A 287 -29.36 28.46 1.07
C GLN A 287 -28.80 27.03 1.13
N ILE A 288 -29.71 26.07 1.05
CA ILE A 288 -29.40 24.66 1.24
C ILE A 288 -30.28 23.84 0.29
N ALA A 289 -29.78 22.67 -0.13
CA ALA A 289 -30.50 21.83 -1.08
C ALA A 289 -30.34 20.34 -0.79
N SER A 290 -31.42 19.59 -1.04
CA SER A 290 -31.41 18.13 -0.90
C SER A 290 -30.45 17.49 -1.89
N VAL A 291 -29.79 16.42 -1.45
CA VAL A 291 -28.85 15.68 -2.30
C VAL A 291 -29.35 14.25 -2.58
N ILE A 292 -30.50 13.91 -1.98
CA ILE A 292 -31.11 12.59 -2.16
C ILE A 292 -31.29 12.21 -3.64
N PRO A 293 -31.71 13.17 -4.50
CA PRO A 293 -31.76 12.85 -5.94
C PRO A 293 -30.41 12.37 -6.49
N LYS A 294 -29.34 13.13 -6.24
CA LYS A 294 -28.01 12.77 -6.72
C LYS A 294 -27.54 11.43 -6.16
N ILE A 295 -27.88 11.17 -4.90
CA ILE A 295 -27.58 9.88 -4.27
C ILE A 295 -28.22 8.74 -5.06
N ILE A 296 -29.51 8.86 -5.35
CA ILE A 296 -30.26 7.85 -6.09
C ILE A 296 -29.70 7.67 -7.51
N LYS A 297 -29.36 8.78 -8.15
CA LYS A 297 -28.79 8.77 -9.49
C LYS A 297 -27.41 8.14 -9.53
N THR A 298 -26.59 8.43 -8.51
CA THR A 298 -25.24 7.87 -8.43
C THR A 298 -25.25 6.38 -8.09
N GLY A 299 -26.16 5.98 -7.22
CA GLY A 299 -26.32 4.57 -6.87
C GLY A 299 -26.70 3.74 -8.08
N PHE A 300 -27.67 4.23 -8.85
CA PHE A 300 -28.16 3.59 -10.07
C PHE A 300 -27.05 3.41 -11.12
N ALA A 301 -26.24 4.45 -11.31
CA ALA A 301 -25.13 4.39 -12.26
C ALA A 301 -24.02 3.48 -11.75
N ALA A 302 -23.79 3.51 -10.44
CA ALA A 302 -22.69 2.77 -9.81
C ALA A 302 -22.76 1.27 -10.08
N ILE A 303 -23.97 0.72 -10.04
CA ILE A 303 -24.19 -0.72 -10.24
C ILE A 303 -24.36 -1.08 -11.72
N HIS A 304 -23.86 -0.19 -12.59
CA HIS A 304 -23.79 -0.42 -14.04
C HIS A 304 -25.14 -0.58 -14.71
N LEU A 305 -26.11 0.16 -14.19
CA LEU A 305 -27.43 0.26 -14.80
C LEU A 305 -27.56 1.60 -15.52
N ILE A 306 -28.12 1.54 -16.73
CA ILE A 306 -28.50 2.72 -17.50
C ILE A 306 -29.89 2.47 -18.05
N TYR A 307 -30.48 3.48 -18.70
CA TYR A 307 -31.74 3.27 -19.39
C TYR A 307 -31.80 4.00 -20.72
N PHE A 308 -32.57 3.44 -21.64
CA PHE A 308 -32.94 4.14 -22.86
C PHE A 308 -34.41 4.56 -22.76
N PHE A 309 -34.83 5.48 -23.63
CA PHE A 309 -36.20 5.97 -23.63
C PHE A 309 -36.98 5.43 -24.83
N THR A 310 -38.26 5.19 -24.62
CA THR A 310 -39.21 5.07 -25.72
C THR A 310 -40.21 6.20 -25.55
N ALA A 311 -40.17 7.17 -26.46
CA ALA A 311 -41.00 8.36 -26.36
C ALA A 311 -42.12 8.38 -27.40
N GLY A 312 -43.36 8.39 -26.91
CA GLY A 312 -44.54 8.42 -27.76
C GLY A 312 -45.68 9.18 -27.09
N PRO A 313 -46.74 9.49 -27.85
CA PRO A 313 -47.87 10.24 -27.30
C PRO A 313 -48.73 9.43 -26.33
N ASP A 314 -48.49 8.12 -26.26
CA ASP A 314 -49.22 7.24 -25.33
C ASP A 314 -48.39 6.81 -24.11
N GLU A 315 -47.07 6.68 -24.30
CA GLU A 315 -46.15 6.31 -23.23
C GLU A 315 -44.76 6.94 -23.39
N VAL A 316 -44.19 7.37 -22.27
CA VAL A 316 -42.79 7.76 -22.19
C VAL A 316 -42.17 6.99 -21.02
N LYS A 317 -41.27 6.07 -21.34
CA LYS A 317 -40.74 5.13 -20.35
C LYS A 317 -39.22 5.00 -20.39
N CYS A 318 -38.62 5.01 -19.20
CA CYS A 318 -37.20 4.66 -19.04
C CYS A 318 -37.10 3.14 -18.92
N TRP A 319 -36.27 2.54 -19.76
CA TRP A 319 -36.08 1.09 -19.76
C TRP A 319 -34.75 0.69 -19.20
N GLN A 320 -34.75 0.21 -17.96
CA GLN A 320 -33.53 -0.25 -17.29
C GLN A 320 -32.85 -1.34 -18.10
N ILE A 321 -31.57 -1.13 -18.39
CA ILE A 321 -30.72 -2.17 -18.95
C ILE A 321 -29.33 -2.07 -18.32
N ARG A 322 -28.59 -3.17 -18.37
CA ARG A 322 -27.22 -3.18 -17.89
C ARG A 322 -26.33 -2.51 -18.94
N ARG A 323 -25.34 -1.75 -18.47
CA ARG A 323 -24.34 -1.15 -19.34
C ARG A 323 -23.64 -2.25 -20.15
N GLN A 324 -23.44 -1.99 -21.43
CA GLN A 324 -22.84 -2.94 -22.39
C GLN A 324 -23.86 -3.94 -22.96
N THR A 325 -25.13 -3.56 -22.94
CA THR A 325 -26.17 -4.34 -23.60
C THR A 325 -26.25 -3.93 -25.07
N LYS A 326 -26.38 -4.91 -25.94
CA LYS A 326 -26.52 -4.67 -27.38
C LYS A 326 -27.97 -4.35 -27.71
N ALA A 327 -28.20 -3.82 -28.91
CA ALA A 327 -29.54 -3.41 -29.35
C ALA A 327 -30.63 -4.51 -29.33
N PRO A 328 -30.35 -5.71 -29.87
CA PRO A 328 -31.38 -6.76 -29.86
C PRO A 328 -31.83 -7.16 -28.45
N GLN A 329 -30.86 -7.37 -27.55
CA GLN A 329 -31.15 -7.71 -26.16
C GLN A 329 -31.96 -6.60 -25.48
N ALA A 330 -31.64 -5.35 -25.80
CA ALA A 330 -32.40 -4.20 -25.30
C ALA A 330 -33.82 -4.21 -25.84
N ALA A 331 -33.99 -4.64 -27.09
CA ALA A 331 -35.31 -4.79 -27.70
C ALA A 331 -36.13 -5.82 -26.95
N GLY A 332 -35.50 -6.94 -26.63
CA GLY A 332 -36.14 -8.06 -25.94
C GLY A 332 -36.81 -7.73 -24.63
N THR A 333 -36.23 -6.78 -23.87
CA THR A 333 -36.77 -6.42 -22.55
C THR A 333 -38.14 -5.78 -22.65
N ILE A 334 -38.44 -5.16 -23.79
CA ILE A 334 -39.77 -4.63 -24.06
C ILE A 334 -40.70 -5.77 -24.45
N HIS A 335 -40.27 -6.58 -25.41
CA HIS A 335 -41.02 -7.74 -25.89
C HIS A 335 -40.10 -8.63 -26.69
N THR A 336 -40.21 -9.95 -26.48
CA THR A 336 -39.27 -10.91 -27.10
C THR A 336 -39.31 -10.90 -28.63
N ASP A 337 -40.46 -10.58 -29.20
CA ASP A 337 -40.61 -10.48 -30.67
C ASP A 337 -39.61 -9.49 -31.26
N PHE A 338 -39.41 -8.39 -30.56
CA PHE A 338 -38.48 -7.33 -30.96
C PHE A 338 -37.05 -7.85 -31.12
N GLU A 339 -36.67 -8.81 -30.28
CA GLU A 339 -35.34 -9.41 -30.35
C GLU A 339 -35.26 -10.53 -31.41
N ARG A 340 -36.29 -11.36 -31.46
CA ARG A 340 -36.32 -12.48 -32.41
C ARG A 340 -36.45 -12.00 -33.85
N GLY A 341 -37.27 -10.97 -34.06
CA GLY A 341 -37.44 -10.37 -35.38
C GLY A 341 -36.58 -9.14 -35.67
N PHE A 342 -35.66 -8.84 -34.75
CA PHE A 342 -34.82 -7.63 -34.81
C PHE A 342 -34.28 -7.30 -36.20
N ILE A 343 -34.72 -6.15 -36.73
CA ILE A 343 -34.15 -5.61 -37.96
C ILE A 343 -33.12 -4.54 -37.60
N CYS A 344 -33.57 -3.51 -36.87
CA CYS A 344 -32.72 -2.41 -36.45
C CYS A 344 -33.33 -1.63 -35.28
N ALA A 345 -32.53 -0.76 -34.68
CA ALA A 345 -33.01 0.13 -33.65
C ALA A 345 -32.86 1.58 -34.11
N GLU A 346 -33.98 2.24 -34.36
CA GLU A 346 -33.97 3.65 -34.76
C GLU A 346 -33.73 4.51 -33.54
N VAL A 347 -32.54 5.10 -33.47
CA VAL A 347 -32.13 5.87 -32.30
C VAL A 347 -31.79 7.33 -32.63
N MET A 348 -32.48 8.24 -31.96
CA MET A 348 -32.10 9.65 -31.95
C MET A 348 -31.56 10.02 -30.58
N LYS A 349 -30.48 10.80 -30.57
CA LYS A 349 -29.88 11.30 -29.34
C LYS A 349 -30.72 12.43 -28.76
N PHE A 350 -30.81 12.50 -27.44
CA PHE A 350 -31.63 13.50 -26.76
C PHE A 350 -31.28 14.94 -27.16
N ASP A 351 -29.98 15.24 -27.21
CA ASP A 351 -29.50 16.58 -27.58
C ASP A 351 -29.99 17.03 -28.95
N ASP A 352 -30.04 16.09 -29.89
CA ASP A 352 -30.53 16.35 -31.25
C ASP A 352 -32.03 16.65 -31.26
N LEU A 353 -32.78 15.95 -30.43
CA LEU A 353 -34.21 16.20 -30.26
C LEU A 353 -34.44 17.54 -29.58
N LYS A 354 -33.58 17.87 -28.62
CA LYS A 354 -33.68 19.14 -27.88
C LYS A 354 -33.37 20.33 -28.79
N GLU A 355 -32.27 20.24 -29.53
CA GLU A 355 -31.84 21.31 -30.44
C GLU A 355 -32.89 21.61 -31.52
N LEU A 356 -33.33 20.57 -32.21
CA LEU A 356 -34.34 20.70 -33.26
C LEU A 356 -35.76 20.70 -32.67
N GLY A 357 -36.76 20.69 -33.54
CA GLY A 357 -38.16 20.76 -33.11
C GLY A 357 -38.64 19.52 -32.37
N SER A 358 -38.97 18.49 -33.15
CA SER A 358 -39.49 17.23 -32.60
C SER A 358 -38.96 16.04 -33.41
N GLU A 359 -39.63 14.89 -33.27
CA GLU A 359 -39.26 13.67 -34.00
C GLU A 359 -39.28 13.94 -35.50
N SER A 360 -40.35 14.60 -35.95
CA SER A 360 -40.54 14.94 -37.36
C SER A 360 -39.41 15.83 -37.89
N ALA A 361 -39.04 16.84 -37.10
CA ALA A 361 -37.95 17.75 -37.45
C ALA A 361 -36.59 17.05 -37.46
N VAL A 362 -36.39 16.10 -36.54
CA VAL A 362 -35.14 15.34 -36.43
C VAL A 362 -34.91 14.44 -37.65
N LYS A 363 -35.95 13.71 -38.05
CA LYS A 363 -35.89 12.87 -39.25
C LYS A 363 -35.63 13.70 -40.51
N ALA A 364 -36.26 14.88 -40.55
CA ALA A 364 -36.10 15.82 -41.66
C ALA A 364 -34.64 16.23 -41.89
N ALA A 365 -33.89 16.37 -40.79
CA ALA A 365 -32.47 16.69 -40.85
C ALA A 365 -31.62 15.43 -41.04
N GLY A 366 -32.24 14.27 -40.85
CA GLY A 366 -31.57 12.98 -41.00
C GLY A 366 -30.61 12.65 -39.87
N LYS A 367 -31.09 12.81 -38.64
CA LYS A 367 -30.28 12.47 -37.46
C LYS A 367 -30.59 11.05 -36.95
N TYR A 368 -31.79 10.56 -37.25
CA TYR A 368 -32.25 9.24 -36.81
C TYR A 368 -31.36 8.11 -37.33
N ARG A 369 -30.36 7.74 -36.54
CA ARG A 369 -29.48 6.60 -36.83
C ARG A 369 -30.22 5.26 -36.76
N GLN A 370 -30.01 4.42 -37.76
CA GLN A 370 -30.52 3.06 -37.75
C GLN A 370 -29.39 2.12 -37.36
N GLU A 371 -29.43 1.63 -36.13
CA GLU A 371 -28.33 0.84 -35.58
C GLU A 371 -28.64 -0.66 -35.54
N GLY A 372 -27.62 -1.47 -35.82
CA GLY A 372 -27.80 -2.91 -35.99
C GLY A 372 -27.55 -3.74 -34.74
N LYS A 373 -27.45 -5.05 -34.94
CA LYS A 373 -27.27 -6.01 -33.85
C LYS A 373 -26.04 -5.71 -32.99
N THR A 374 -25.00 -5.13 -33.61
CA THR A 374 -23.72 -4.90 -32.95
C THR A 374 -23.69 -3.64 -32.06
N TYR A 375 -24.72 -2.80 -32.20
CA TYR A 375 -24.77 -1.52 -31.50
C TYR A 375 -24.99 -1.65 -30.00
N VAL A 376 -24.07 -1.06 -29.23
CA VAL A 376 -24.21 -1.01 -27.77
C VAL A 376 -25.04 0.23 -27.44
N VAL A 377 -26.16 0.00 -26.76
CA VAL A 377 -27.10 1.07 -26.39
C VAL A 377 -26.46 2.02 -25.38
N GLN A 378 -26.56 3.32 -25.67
CA GLN A 378 -26.03 4.36 -24.82
C GLN A 378 -27.13 4.99 -23.96
N ASP A 379 -26.78 5.40 -22.75
CA ASP A 379 -27.74 6.01 -21.84
C ASP A 379 -28.38 7.22 -22.47
N GLY A 380 -29.70 7.30 -22.40
CA GLY A 380 -30.45 8.44 -22.91
C GLY A 380 -30.96 8.28 -24.32
N ASP A 381 -30.47 7.26 -25.03
CA ASP A 381 -30.94 6.94 -26.38
C ASP A 381 -32.46 6.87 -26.40
N ILE A 382 -33.05 7.58 -27.36
CA ILE A 382 -34.50 7.48 -27.60
C ILE A 382 -34.69 6.52 -28.77
N ILE A 383 -35.33 5.39 -28.50
CA ILE A 383 -35.33 4.27 -29.44
C ILE A 383 -36.73 3.84 -29.87
N PHE A 384 -36.86 3.60 -31.17
CA PHE A 384 -37.98 2.86 -31.74
C PHE A 384 -37.41 1.61 -32.42
N PHE A 385 -37.95 0.45 -32.06
CA PHE A 385 -37.45 -0.81 -32.60
C PHE A 385 -38.19 -1.30 -33.84
N LYS A 386 -37.43 -1.81 -34.80
CA LYS A 386 -37.95 -2.38 -36.04
C LYS A 386 -37.70 -3.88 -36.06
N PHE A 387 -38.76 -4.66 -36.30
CA PHE A 387 -38.69 -6.12 -36.16
C PHE A 387 -39.60 -6.88 -37.12
N ASN A 388 -39.37 -8.20 -37.19
CA ASN A 388 -40.18 -9.17 -37.94
C ASN A 388 -40.23 -8.89 -39.44
N GLU B 15 24.94 -14.46 -4.03
CA GLU B 15 23.79 -13.72 -4.62
C GLU B 15 24.25 -12.57 -5.53
N ARG B 16 23.35 -11.62 -5.79
CA ARG B 16 23.62 -10.47 -6.66
C ARG B 16 24.61 -9.48 -6.04
N PRO B 17 25.32 -8.68 -6.88
CA PRO B 17 26.19 -7.61 -6.41
C PRO B 17 25.53 -6.66 -5.41
N ILE B 18 26.34 -6.08 -4.54
CA ILE B 18 25.85 -5.28 -3.42
C ILE B 18 25.48 -3.85 -3.83
N LEU B 19 24.30 -3.43 -3.40
CA LEU B 19 23.83 -2.07 -3.59
C LEU B 19 24.42 -1.17 -2.49
N GLY B 20 25.52 -0.51 -2.83
CA GLY B 20 26.24 0.37 -1.90
C GLY B 20 27.57 0.78 -2.48
N ARG B 21 28.14 1.86 -1.96
CA ARG B 21 29.38 2.42 -2.50
C ARG B 21 30.61 1.55 -2.25
N PHE B 22 31.65 1.76 -3.06
CA PHE B 22 32.93 1.07 -2.90
C PHE B 22 33.90 1.94 -2.10
N SER B 23 33.72 1.94 -0.78
CA SER B 23 34.58 2.71 0.14
C SER B 23 35.11 1.85 1.27
N SER B 24 36.29 2.25 1.77
CA SER B 24 36.92 1.61 2.92
C SER B 24 36.32 2.14 4.22
N HIS B 25 35.59 3.25 4.12
CA HIS B 25 35.04 3.92 5.30
C HIS B 25 33.56 4.11 5.13
N LEU B 26 32.78 3.25 5.77
CA LEU B 26 31.33 3.31 5.68
C LEU B 26 30.70 3.86 6.96
N LYS B 27 29.67 4.69 6.78
CA LYS B 27 29.00 5.37 7.87
C LYS B 27 27.54 4.96 7.96
N ILE B 28 26.98 5.03 9.17
CA ILE B 28 25.54 4.85 9.38
C ILE B 28 24.94 6.12 9.98
N GLY B 29 23.89 6.64 9.35
CA GLY B 29 23.28 7.90 9.77
C GLY B 29 22.10 7.71 10.69
N ILE B 30 21.95 8.61 11.66
CA ILE B 30 20.79 8.62 12.54
C ILE B 30 19.70 9.51 11.93
N VAL B 31 18.62 8.87 11.49
CA VAL B 31 17.49 9.58 10.91
C VAL B 31 16.22 9.39 11.75
N GLY B 32 15.45 10.45 11.88
CA GLY B 32 14.19 10.42 12.63
C GLY B 32 13.60 11.81 12.75
N LEU B 33 12.35 11.87 13.22
CA LEU B 33 11.64 13.13 13.38
C LEU B 33 12.12 13.89 14.63
N PRO B 34 11.75 15.18 14.78
CA PRO B 34 12.10 15.94 15.97
C PRO B 34 11.62 15.30 17.27
N ASN B 35 12.44 15.40 18.32
CA ASN B 35 12.15 14.86 19.66
C ASN B 35 11.71 13.38 19.69
N VAL B 36 12.59 12.51 19.21
CA VAL B 36 12.35 11.05 19.26
C VAL B 36 13.46 10.33 20.04
N GLY B 37 14.54 11.04 20.34
CA GLY B 37 15.66 10.51 21.13
C GLY B 37 16.94 10.32 20.34
N LYS B 38 17.02 10.99 19.19
CA LYS B 38 18.18 10.89 18.29
C LYS B 38 19.48 11.41 18.90
N SER B 39 19.46 12.67 19.35
CA SER B 39 20.62 13.28 19.99
C SER B 39 20.98 12.53 21.27
N THR B 40 19.96 12.08 21.99
CA THR B 40 20.13 11.32 23.22
C THR B 40 20.78 9.95 22.95
N PHE B 41 20.34 9.29 21.87
CA PHE B 41 20.97 8.04 21.42
C PHE B 41 22.42 8.28 20.98
N PHE B 42 22.62 9.29 20.14
CA PHE B 42 23.96 9.67 19.70
C PHE B 42 24.89 9.96 20.88
N ASN B 43 24.38 10.64 21.91
CA ASN B 43 25.17 10.95 23.10
C ASN B 43 25.58 9.70 23.89
N ILE B 44 24.70 8.71 23.92
CA ILE B 44 25.04 7.40 24.48
C ILE B 44 26.19 6.77 23.70
N VAL B 45 26.11 6.89 22.37
CA VAL B 45 27.14 6.38 21.45
C VAL B 45 28.45 7.17 21.59
N THR B 46 28.36 8.50 21.61
CA THR B 46 29.51 9.39 21.81
C THR B 46 30.27 9.05 23.10
N LYS B 47 29.52 8.79 24.18
CA LYS B 47 30.11 8.44 25.47
C LYS B 47 30.80 7.08 25.43
N LEU B 48 30.51 6.30 24.38
CA LEU B 48 31.07 4.96 24.21
C LEU B 48 32.10 4.90 23.08
N SER B 49 32.27 6.02 22.38
CA SER B 49 33.09 6.08 21.18
C SER B 49 34.59 5.93 21.45
N ILE B 50 35.34 5.59 20.42
CA ILE B 50 36.79 5.49 20.45
C ILE B 50 37.36 6.91 20.33
N PRO B 51 38.34 7.26 21.20
CA PRO B 51 38.96 8.60 21.16
C PRO B 51 39.43 8.98 19.74
N ALA B 52 39.14 10.21 19.33
CA ALA B 52 39.43 10.69 17.97
C ALA B 52 40.91 10.63 17.59
N GLU B 53 41.79 10.79 18.59
CA GLU B 53 43.24 10.75 18.35
C GLU B 53 43.72 9.36 17.91
N ASN B 54 42.87 8.35 18.10
CA ASN B 54 43.20 6.98 17.69
C ASN B 54 43.04 6.77 16.19
N PHE B 55 42.50 7.77 15.50
CA PHE B 55 42.39 7.77 14.04
C PHE B 55 43.08 9.02 13.45
N PRO B 56 44.43 9.00 13.41
CA PRO B 56 45.17 10.20 12.97
C PRO B 56 44.97 10.56 11.49
N PHE B 57 44.62 9.58 10.67
CA PHE B 57 44.35 9.82 9.25
C PHE B 57 43.01 10.54 9.02
N CYS B 58 42.20 10.61 10.07
CA CYS B 58 40.83 11.11 9.94
C CYS B 58 40.56 12.36 10.76
N THR B 59 39.60 13.16 10.29
CA THR B 59 39.08 14.29 11.03
C THR B 59 37.66 13.96 11.45
N ILE B 60 37.49 13.70 12.75
CA ILE B 60 36.18 13.30 13.28
C ILE B 60 35.43 14.50 13.84
N ASP B 61 34.40 14.92 13.10
CA ASP B 61 33.55 16.05 13.46
C ASP B 61 32.72 15.73 14.71
N PRO B 62 32.27 16.77 15.45
CA PRO B 62 31.55 16.55 16.71
C PRO B 62 30.24 15.77 16.57
N ASN B 63 29.71 15.70 15.34
CA ASN B 63 28.51 14.93 15.04
C ASN B 63 28.79 13.49 14.58
N GLU B 64 30.04 13.08 14.72
CA GLU B 64 30.47 11.74 14.30
C GLU B 64 31.06 10.98 15.48
N ALA B 65 30.79 9.68 15.54
CA ALA B 65 31.36 8.83 16.57
C ALA B 65 31.71 7.47 15.98
N ARG B 66 32.81 6.90 16.46
CA ARG B 66 33.23 5.57 16.07
C ARG B 66 33.22 4.65 17.27
N VAL B 67 32.45 3.58 17.20
CA VAL B 67 32.31 2.65 18.32
C VAL B 67 32.86 1.26 17.98
N TYR B 68 33.48 0.61 18.96
CA TYR B 68 33.96 -0.75 18.79
C TYR B 68 32.79 -1.69 18.56
N VAL B 69 32.97 -2.63 17.63
CA VAL B 69 31.99 -3.66 17.37
C VAL B 69 32.29 -4.84 18.30
N PRO B 70 31.38 -5.14 19.24
CA PRO B 70 31.61 -6.24 20.18
C PRO B 70 31.51 -7.57 19.48
N ASP B 71 32.41 -8.49 19.81
CA ASP B 71 32.37 -9.84 19.28
C ASP B 71 32.95 -10.82 20.29
N GLU B 72 32.15 -11.82 20.64
CA GLU B 72 32.53 -12.82 21.64
C GLU B 72 33.61 -13.76 21.10
N ARG B 73 33.60 -13.99 19.80
CA ARG B 73 34.65 -14.73 19.13
C ARG B 73 35.99 -13.99 19.29
N PHE B 74 35.98 -12.70 19.04
CA PHE B 74 37.17 -11.86 19.20
C PHE B 74 37.71 -11.92 20.62
N ASP B 75 36.83 -11.84 21.62
CA ASP B 75 37.22 -11.90 23.02
C ASP B 75 37.81 -13.26 23.37
N TRP B 76 37.26 -14.31 22.76
CA TRP B 76 37.75 -15.67 23.00
C TRP B 76 39.11 -15.88 22.41
N LEU B 77 39.32 -15.39 21.18
CA LEU B 77 40.62 -15.44 20.52
C LEU B 77 41.67 -14.65 21.30
N CYS B 78 41.25 -13.54 21.90
CA CYS B 78 42.13 -12.73 22.73
C CYS B 78 42.44 -13.43 24.05
N GLN B 79 41.57 -14.34 24.47
CA GLN B 79 41.85 -15.20 25.62
C GLN B 79 42.89 -16.25 25.23
N LEU B 80 42.60 -17.00 24.17
CA LEU B 80 43.44 -18.11 23.72
C LEU B 80 44.88 -17.71 23.41
N TYR B 81 45.04 -16.65 22.62
CA TYR B 81 46.36 -16.22 22.16
C TYR B 81 47.04 -15.23 23.10
N LYS B 82 46.25 -14.54 23.92
CA LYS B 82 46.74 -13.47 24.78
C LYS B 82 47.78 -12.59 24.06
N PRO B 83 47.37 -11.93 22.95
CA PRO B 83 48.32 -11.22 22.08
C PRO B 83 48.79 -9.90 22.66
N LYS B 84 49.79 -9.30 22.02
CA LYS B 84 50.29 -7.99 22.43
C LYS B 84 49.32 -6.89 22.01
N SER B 85 48.81 -7.00 20.79
CA SER B 85 47.87 -6.03 20.24
C SER B 85 46.45 -6.61 20.07
N GLU B 86 45.46 -5.89 20.60
CA GLU B 86 44.05 -6.25 20.42
C GLU B 86 43.35 -5.18 19.61
N VAL B 87 43.01 -5.49 18.36
CA VAL B 87 42.36 -4.53 17.47
C VAL B 87 40.96 -4.98 17.04
N SER B 88 39.94 -4.24 17.47
CA SER B 88 38.55 -4.49 17.07
C SER B 88 38.17 -3.69 15.83
N ALA B 89 37.14 -4.17 15.12
CA ALA B 89 36.50 -3.39 14.07
C ALA B 89 35.66 -2.30 14.70
N TYR B 90 35.27 -1.30 13.91
CA TYR B 90 34.43 -0.22 14.42
C TYR B 90 33.30 0.15 13.46
N LEU B 91 32.26 0.77 14.01
CA LEU B 91 31.16 1.32 13.23
C LEU B 91 31.17 2.83 13.39
N GLU B 92 31.05 3.56 12.28
CA GLU B 92 30.93 5.02 12.34
C GLU B 92 29.48 5.44 12.34
N ILE B 93 29.08 6.19 13.35
CA ILE B 93 27.70 6.64 13.51
C ILE B 93 27.68 8.17 13.39
N ASN B 94 26.81 8.66 12.51
CA ASN B 94 26.70 10.10 12.25
C ASN B 94 25.36 10.70 12.65
N ASP B 95 25.42 11.76 13.44
CA ASP B 95 24.23 12.51 13.83
C ASP B 95 23.91 13.51 12.73
N ILE B 96 22.72 13.37 12.13
CA ILE B 96 22.32 14.23 11.03
C ILE B 96 21.44 15.38 11.52
N ALA B 97 20.75 15.16 12.63
CA ALA B 97 19.91 16.19 13.25
C ALA B 97 20.68 17.47 13.58
N GLY B 98 21.89 17.31 14.14
CA GLY B 98 22.72 18.44 14.55
C GLY B 98 23.29 19.28 13.42
N LEU B 99 23.20 18.77 12.20
CA LEU B 99 23.75 19.43 11.02
C LEU B 99 22.76 20.37 10.30
N VAL B 100 21.56 20.55 10.88
CA VAL B 100 20.53 21.36 10.25
C VAL B 100 20.03 22.51 11.13
N ARG B 101 19.24 22.19 12.16
CA ARG B 101 18.68 23.19 13.06
C ARG B 101 18.70 22.71 14.51
N LEU B 109 13.28 15.18 7.83
CA LEU B 109 12.36 16.23 7.39
C LEU B 109 13.11 17.52 7.02
N GLY B 110 13.06 17.86 5.73
CA GLY B 110 13.74 19.05 5.20
C GLY B 110 14.85 18.70 4.23
N ASN B 111 14.93 19.45 3.13
CA ASN B 111 15.92 19.21 2.07
C ASN B 111 17.39 19.24 2.50
N ALA B 112 17.68 19.96 3.59
CA ALA B 112 19.03 20.00 4.15
C ALA B 112 19.39 18.68 4.86
N PHE B 113 18.38 18.03 5.42
CA PHE B 113 18.53 16.72 6.05
C PHE B 113 18.86 15.65 5.00
N LEU B 114 18.04 15.58 3.96
CA LEU B 114 18.19 14.59 2.88
C LEU B 114 19.54 14.63 2.15
N SER B 115 20.16 15.81 2.12
CA SER B 115 21.46 15.97 1.50
C SER B 115 22.57 15.32 2.34
N HIS B 116 22.43 15.38 3.66
CA HIS B 116 23.38 14.74 4.57
C HIS B 116 23.18 13.25 4.69
N ILE B 117 21.98 12.79 4.33
CA ILE B 117 21.67 11.36 4.31
C ILE B 117 22.42 10.64 3.19
N ARG B 118 22.78 11.39 2.15
CA ARG B 118 23.50 10.83 0.99
C ARG B 118 24.97 10.56 1.32
N ALA B 119 25.47 11.23 2.37
CA ALA B 119 26.83 11.02 2.85
C ALA B 119 27.01 9.68 3.56
N VAL B 120 25.95 9.18 4.20
CA VAL B 120 26.01 7.91 4.93
C VAL B 120 25.58 6.71 4.07
N ASP B 121 25.78 5.50 4.60
CA ASP B 121 25.58 4.28 3.82
C ASP B 121 24.46 3.37 4.35
N GLY B 122 23.99 3.68 5.55
CA GLY B 122 22.84 3.00 6.15
C GLY B 122 22.15 3.93 7.12
N ILE B 123 20.94 3.58 7.53
CA ILE B 123 20.16 4.43 8.43
C ILE B 123 19.74 3.72 9.71
N PHE B 124 20.05 4.34 10.85
CA PHE B 124 19.40 3.99 12.09
C PHE B 124 18.12 4.83 12.16
N HIS B 125 17.01 4.27 11.69
CA HIS B 125 15.73 4.97 11.72
C HIS B 125 15.12 4.92 13.09
N VAL B 126 15.22 6.02 13.82
CA VAL B 126 14.75 6.08 15.20
C VAL B 126 13.26 6.48 15.24
N LEU B 127 12.44 5.55 15.74
CA LEU B 127 11.01 5.78 15.85
C LEU B 127 10.62 6.08 17.30
N ARG B 128 9.66 6.98 17.47
CA ARG B 128 9.11 7.32 18.78
C ARG B 128 7.98 6.35 19.13
N ALA B 129 8.05 5.77 20.32
CA ALA B 129 7.00 4.84 20.78
C ALA B 129 6.68 5.00 22.27
N PHE B 130 6.87 6.20 22.79
CA PHE B 130 6.59 6.53 24.20
C PHE B 130 5.73 7.79 24.31
N GLU B 131 5.04 7.91 25.45
CA GLU B 131 4.13 9.04 25.71
C GLU B 131 4.82 10.17 26.48
N ASP B 132 4.47 11.42 26.14
CA ASP B 132 5.03 12.59 26.84
C ASP B 132 4.09 13.11 27.91
N SER B 141 -0.48 14.23 19.20
CA SER B 141 -0.60 12.80 18.97
C SER B 141 0.75 12.14 18.76
N VAL B 142 0.81 10.82 19.01
CA VAL B 142 2.02 10.03 18.82
C VAL B 142 1.69 8.78 18.01
N ASP B 143 2.33 8.65 16.85
CA ASP B 143 2.14 7.49 15.98
C ASP B 143 3.39 7.20 15.13
N PRO B 144 4.15 6.16 15.53
CA PRO B 144 5.39 5.78 14.83
C PRO B 144 5.17 5.28 13.40
N VAL B 145 4.02 4.64 13.15
CA VAL B 145 3.70 4.15 11.82
C VAL B 145 3.50 5.32 10.85
N ARG B 146 2.87 6.39 11.34
CA ARG B 146 2.72 7.62 10.58
C ARG B 146 4.09 8.22 10.25
N ASP B 147 4.98 8.21 11.24
CA ASP B 147 6.35 8.71 11.08
C ASP B 147 7.14 7.90 10.06
N LEU B 148 6.84 6.60 9.98
CA LEU B 148 7.44 5.71 8.99
C LEU B 148 6.99 6.05 7.58
N GLU B 149 5.70 6.38 7.44
CA GLU B 149 5.12 6.78 6.16
C GLU B 149 5.62 8.16 5.72
N THR B 150 5.73 9.08 6.69
CA THR B 150 6.14 10.48 6.45
C THR B 150 7.55 10.59 5.89
N ILE B 151 8.51 9.96 6.57
CA ILE B 151 9.91 9.97 6.14
C ILE B 151 10.09 9.08 4.90
N GLY B 152 9.30 8.03 4.82
CA GLY B 152 9.34 7.08 3.71
C GLY B 152 9.00 7.70 2.37
N GLU B 153 7.99 8.55 2.36
CA GLU B 153 7.60 9.30 1.16
C GLU B 153 8.62 10.39 0.86
N GLU B 154 9.02 11.13 1.89
CA GLU B 154 10.02 12.19 1.77
C GLU B 154 11.34 11.67 1.19
N LEU B 155 11.65 10.42 1.51
CA LEU B 155 12.86 9.77 1.03
C LEU B 155 12.69 9.39 -0.45
N ARG B 156 11.51 8.88 -0.81
CA ARG B 156 11.20 8.51 -2.18
C ARG B 156 11.09 9.72 -3.11
N LEU B 157 10.62 10.84 -2.56
CA LEU B 157 10.41 12.06 -3.35
C LEU B 157 11.73 12.71 -3.80
N LYS B 158 12.71 12.75 -2.90
CA LYS B 158 14.01 13.33 -3.21
C LYS B 158 14.81 12.43 -4.16
N ASP B 159 14.52 11.14 -4.14
CA ASP B 159 15.10 10.20 -5.08
C ASP B 159 14.46 10.34 -6.47
N ILE B 160 13.14 10.54 -6.49
CA ILE B 160 12.41 10.85 -7.73
C ILE B 160 12.94 12.16 -8.33
N GLU B 161 13.10 13.17 -7.47
CA GLU B 161 13.69 14.44 -7.85
C GLU B 161 15.10 14.25 -8.43
N PHE B 162 15.81 13.23 -7.93
CA PHE B 162 17.16 12.93 -8.40
C PHE B 162 17.14 12.19 -9.74
N VAL B 163 16.32 11.14 -9.83
CA VAL B 163 16.28 10.27 -11.01
C VAL B 163 15.74 10.99 -12.25
N GLN B 164 14.65 11.74 -12.08
CA GLN B 164 14.03 12.47 -13.19
C GLN B 164 14.95 13.59 -13.72
N ASN B 165 15.65 14.26 -12.81
CA ASN B 165 16.63 15.27 -13.19
C ASN B 165 17.84 14.68 -13.91
N LYS B 166 18.21 13.46 -13.54
CA LYS B 166 19.27 12.72 -14.22
C LYS B 166 18.79 12.23 -15.58
N ILE B 167 17.49 11.93 -15.66
CA ILE B 167 16.86 11.53 -16.92
C ILE B 167 16.77 12.69 -17.91
N ASP B 168 16.68 13.91 -17.39
CA ASP B 168 16.69 15.14 -18.21
C ASP B 168 18.02 15.33 -18.93
N ASP B 169 19.12 15.12 -18.21
CA ASP B 169 20.46 15.26 -18.76
C ASP B 169 20.80 14.16 -19.77
N LEU B 170 20.27 12.97 -19.54
CA LEU B 170 20.53 11.82 -20.41
C LEU B 170 19.91 11.95 -21.80
N GLU B 171 18.71 12.52 -21.87
CA GLU B 171 18.03 12.71 -23.15
C GLU B 171 18.57 13.91 -23.93
N LYS B 172 19.01 14.94 -23.20
CA LYS B 172 19.71 16.08 -23.80
C LYS B 172 21.06 15.63 -24.37
N SER B 173 21.75 14.79 -23.62
CA SER B 173 23.04 14.22 -24.03
C SER B 173 22.85 13.21 -25.16
N MET B 174 21.71 12.52 -25.16
CA MET B 174 21.40 11.49 -26.15
C MET B 174 21.09 12.10 -27.52
N LYS B 175 20.68 13.38 -27.53
CA LYS B 175 20.44 14.14 -28.75
C LYS B 175 21.68 14.29 -29.61
N ARG B 176 22.86 14.24 -28.99
CA ARG B 176 24.13 14.48 -29.68
C ARG B 176 25.07 13.28 -29.77
N SER B 177 24.75 12.22 -29.02
CA SER B 177 25.61 11.03 -28.98
C SER B 177 24.82 9.73 -29.13
N ASN B 178 25.44 8.75 -29.78
CA ASN B 178 24.88 7.41 -29.94
C ASN B 178 25.59 6.35 -29.08
N ASP B 179 26.20 6.81 -27.99
CA ASP B 179 26.93 5.94 -27.07
C ASP B 179 25.99 5.02 -26.28
N LYS B 180 26.37 3.76 -26.19
CA LYS B 180 25.54 2.73 -25.55
C LYS B 180 25.29 2.99 -24.06
N GLN B 181 26.34 3.42 -23.34
CA GLN B 181 26.25 3.70 -21.90
C GLN B 181 25.22 4.77 -21.55
N LEU B 182 25.09 5.76 -22.43
CA LEU B 182 24.09 6.82 -22.28
C LEU B 182 22.66 6.29 -22.45
N LYS B 183 22.50 5.33 -23.37
CA LYS B 183 21.21 4.69 -23.61
C LYS B 183 20.83 3.74 -22.48
N LEU B 184 21.79 2.91 -22.06
CA LEU B 184 21.59 1.95 -20.96
C LEU B 184 21.25 2.65 -19.65
N GLU B 185 21.86 3.80 -19.43
CA GLU B 185 21.63 4.62 -18.24
C GLU B 185 20.21 5.17 -18.24
N HIS B 186 19.72 5.56 -19.42
CA HIS B 186 18.36 6.06 -19.59
C HIS B 186 17.34 4.98 -19.37
N GLU B 187 17.67 3.75 -19.78
CA GLU B 187 16.81 2.59 -19.55
C GLU B 187 16.54 2.35 -18.06
N LEU B 188 17.57 2.49 -17.23
CA LEU B 188 17.47 2.24 -15.80
C LEU B 188 16.68 3.32 -15.05
N CYS B 189 16.93 4.59 -15.39
CA CYS B 189 16.29 5.71 -14.72
C CYS B 189 14.76 5.65 -14.83
N GLU B 190 14.26 5.33 -16.03
CA GLU B 190 12.84 5.12 -16.24
C GLU B 190 12.31 3.97 -15.38
N LYS B 191 13.07 2.88 -15.35
CA LYS B 191 12.72 1.69 -14.54
C LYS B 191 12.73 1.99 -13.04
N VAL B 192 13.64 2.87 -12.62
CA VAL B 192 13.74 3.27 -11.21
C VAL B 192 12.60 4.22 -10.83
N LYS B 193 12.27 5.15 -11.74
CA LYS B 193 11.19 6.11 -11.51
C LYS B 193 9.82 5.44 -11.46
N ALA B 194 9.63 4.41 -12.28
CA ALA B 194 8.40 3.61 -12.27
C ALA B 194 8.29 2.82 -10.98
N HIS B 195 9.43 2.32 -10.49
CA HIS B 195 9.51 1.58 -9.25
C HIS B 195 9.25 2.45 -8.05
N LEU B 196 9.74 3.69 -8.11
CA LEU B 196 9.60 4.63 -7.00
C LEU B 196 8.19 5.22 -6.91
N GLU B 197 7.61 5.56 -8.06
CA GLU B 197 6.26 6.12 -8.12
C GLU B 197 5.20 5.10 -7.65
N ASP B 198 5.43 3.83 -7.98
CA ASP B 198 4.55 2.75 -7.51
C ASP B 198 4.63 2.55 -5.99
N GLY B 199 5.47 3.35 -5.34
CA GLY B 199 5.57 3.39 -3.88
C GLY B 199 6.51 2.37 -3.27
N LYS B 200 7.57 2.03 -3.99
CA LYS B 200 8.56 1.08 -3.52
C LYS B 200 9.93 1.75 -3.36
N ASP B 201 10.82 1.09 -2.63
CA ASP B 201 12.17 1.62 -2.40
C ASP B 201 13.23 0.85 -3.19
N VAL B 202 14.16 1.58 -3.80
CA VAL B 202 15.21 1.01 -4.65
C VAL B 202 15.88 -0.21 -4.01
N ARG B 203 16.06 -0.13 -2.69
CA ARG B 203 16.55 -1.23 -1.86
C ARG B 203 15.95 -2.58 -2.24
N PHE B 204 14.63 -2.60 -2.43
CA PHE B 204 13.88 -3.84 -2.67
C PHE B 204 13.38 -3.92 -4.11
N GLY B 205 14.29 -4.22 -5.03
CA GLY B 205 13.95 -4.36 -6.44
C GLY B 205 14.83 -5.38 -7.14
N ASP B 206 14.28 -6.03 -8.16
CA ASP B 206 15.01 -7.03 -8.94
C ASP B 206 15.90 -6.34 -9.95
N TRP B 207 17.10 -5.96 -9.52
CA TRP B 207 18.03 -5.26 -10.38
C TRP B 207 19.10 -6.18 -10.91
N LYS B 208 19.35 -6.10 -12.21
CA LYS B 208 20.43 -6.85 -12.84
C LYS B 208 21.77 -6.21 -12.47
N SER B 209 22.83 -7.02 -12.44
CA SER B 209 24.16 -6.59 -12.02
C SER B 209 24.63 -5.27 -12.63
N ALA B 210 24.28 -5.08 -13.91
CA ALA B 210 24.66 -3.87 -14.64
C ALA B 210 23.92 -2.63 -14.14
N ASP B 211 22.65 -2.82 -13.77
CA ASP B 211 21.81 -1.74 -13.25
C ASP B 211 22.28 -1.28 -11.87
N ILE B 212 22.64 -2.25 -11.03
CA ILE B 212 23.17 -1.98 -9.69
C ILE B 212 24.42 -1.11 -9.75
N GLU B 213 25.34 -1.45 -10.65
CA GLU B 213 26.57 -0.68 -10.88
C GLU B 213 26.27 0.79 -11.17
N ILE B 214 25.28 1.04 -12.03
CA ILE B 214 24.88 2.39 -12.40
C ILE B 214 24.16 3.07 -11.23
N LEU B 215 23.36 2.30 -10.49
CA LEU B 215 22.68 2.80 -9.29
C LEU B 215 23.66 3.27 -8.21
N ASN B 216 24.74 2.52 -8.05
CA ASN B 216 25.79 2.87 -7.09
C ASN B 216 26.51 4.18 -7.42
N THR B 217 26.31 4.67 -8.64
CA THR B 217 26.82 5.98 -9.04
C THR B 217 25.88 7.06 -8.52
N PHE B 218 24.60 6.73 -8.42
CA PHE B 218 23.57 7.68 -8.01
C PHE B 218 23.53 7.89 -6.49
N GLN B 219 23.83 6.83 -5.74
CA GLN B 219 23.69 6.80 -4.28
C GLN B 219 22.35 7.36 -3.79
N LEU B 220 21.27 6.71 -4.23
CA LEU B 220 19.91 7.11 -3.87
C LEU B 220 19.62 6.80 -2.40
N LEU B 221 18.80 7.65 -1.79
CA LEU B 221 18.48 7.58 -0.37
C LEU B 221 17.77 6.27 0.01
N THR B 222 16.87 5.81 -0.84
CA THR B 222 16.11 4.58 -0.58
C THR B 222 16.87 3.33 -1.04
N ALA B 223 18.13 3.51 -1.43
CA ALA B 223 19.01 2.39 -1.75
C ALA B 223 19.89 2.03 -0.55
N LYS B 224 19.70 2.76 0.54
CA LYS B 224 20.47 2.57 1.76
C LYS B 224 19.70 1.72 2.77
N PRO B 225 20.35 0.67 3.31
CA PRO B 225 19.74 -0.21 4.30
C PRO B 225 19.31 0.54 5.55
N VAL B 226 18.29 0.03 6.24
CA VAL B 226 17.75 0.67 7.43
C VAL B 226 17.68 -0.32 8.58
N VAL B 227 17.94 0.17 9.79
CA VAL B 227 17.68 -0.59 11.01
C VAL B 227 16.74 0.24 11.89
N TYR B 228 15.59 -0.33 12.22
CA TYR B 228 14.58 0.37 13.01
C TYR B 228 14.90 0.30 14.49
N LEU B 229 15.02 1.47 15.11
CA LEU B 229 15.23 1.57 16.55
C LEU B 229 13.99 2.20 17.17
N VAL B 230 13.19 1.37 17.85
CA VAL B 230 11.96 1.84 18.46
C VAL B 230 12.22 2.30 19.89
N ASN B 231 12.33 3.61 20.06
CA ASN B 231 12.55 4.23 21.36
C ASN B 231 11.29 4.13 22.23
N MET B 232 11.46 3.66 23.46
CA MET B 232 10.35 3.53 24.41
C MET B 232 10.83 3.72 25.85
N SER B 233 9.89 3.62 26.80
CA SER B 233 10.22 3.75 28.20
C SER B 233 11.06 2.57 28.68
N GLU B 234 11.75 2.74 29.79
CA GLU B 234 12.45 1.64 30.43
C GLU B 234 11.46 0.54 30.79
N LYS B 235 10.28 0.95 31.28
CA LYS B 235 9.21 0.04 31.66
C LYS B 235 8.78 -0.81 30.46
N ASP B 236 8.33 -0.17 29.38
CA ASP B 236 7.98 -0.86 28.14
C ASP B 236 9.07 -1.83 27.74
N TYR B 237 10.32 -1.35 27.75
CA TYR B 237 11.48 -2.12 27.30
C TYR B 237 11.74 -3.35 28.17
N GLN B 238 11.83 -3.14 29.47
CA GLN B 238 12.09 -4.22 30.43
C GLN B 238 11.00 -5.29 30.39
N ARG B 239 9.75 -4.85 30.20
CA ARG B 239 8.59 -5.75 30.10
C ARG B 239 8.53 -6.50 28.78
N LYS B 240 9.24 -5.98 27.77
CA LYS B 240 9.20 -6.51 26.40
C LYS B 240 7.81 -6.42 25.80
N LYS B 241 7.06 -5.41 26.25
CA LYS B 241 5.70 -5.16 25.78
C LYS B 241 5.54 -3.67 25.50
N ASN B 242 4.98 -3.33 24.35
CA ASN B 242 4.79 -1.94 23.93
C ASN B 242 3.59 -1.84 22.99
N LYS B 243 2.71 -0.87 23.26
CA LYS B 243 1.44 -0.77 22.54
C LYS B 243 1.57 -0.38 21.06
N PHE B 244 2.72 0.19 20.68
CA PHE B 244 2.92 0.64 19.31
C PHE B 244 3.64 -0.38 18.42
N LEU B 245 4.39 -1.29 19.04
CA LEU B 245 5.23 -2.25 18.30
C LEU B 245 4.48 -3.21 17.37
N PRO B 246 3.34 -3.79 17.81
CA PRO B 246 2.64 -4.70 16.89
C PRO B 246 2.25 -4.03 15.57
N LYS B 247 1.84 -2.76 15.65
CA LYS B 247 1.50 -1.99 14.46
C LYS B 247 2.74 -1.66 13.62
N ILE B 248 3.86 -1.39 14.30
CA ILE B 248 5.14 -1.14 13.64
C ILE B 248 5.62 -2.39 12.91
N HIS B 249 5.63 -3.51 13.64
CA HIS B 249 6.13 -4.78 13.14
C HIS B 249 5.43 -5.23 11.88
N ALA B 250 4.11 -5.20 11.91
CA ALA B 250 3.30 -5.58 10.75
C ALA B 250 3.62 -4.71 9.55
N TRP B 251 3.80 -3.42 9.79
CA TRP B 251 4.17 -2.46 8.75
C TRP B 251 5.48 -2.81 8.10
N VAL B 252 6.51 -2.99 8.92
CA VAL B 252 7.86 -3.31 8.43
C VAL B 252 7.87 -4.56 7.55
N GLN B 253 7.18 -5.61 7.99
CA GLN B 253 7.06 -6.85 7.22
C GLN B 253 6.46 -6.62 5.82
N GLU B 254 5.61 -5.61 5.70
CA GLU B 254 5.05 -5.22 4.40
C GLU B 254 5.95 -4.24 3.64
N HIS B 255 6.99 -3.74 4.30
CA HIS B 255 7.87 -2.75 3.68
C HIS B 255 9.34 -3.09 3.73
N GLY B 256 9.67 -4.36 3.47
CA GLY B 256 11.06 -4.79 3.42
C GLY B 256 11.46 -5.82 4.46
N GLY B 257 10.84 -5.74 5.64
CA GLY B 257 11.07 -6.70 6.71
C GLY B 257 12.41 -6.58 7.41
N GLU B 258 12.99 -5.39 7.38
CA GLU B 258 14.30 -5.13 8.01
C GLU B 258 14.24 -5.16 9.54
N THR B 259 15.39 -5.39 10.16
CA THR B 259 15.49 -5.60 11.61
C THR B 259 14.90 -4.43 12.39
N ILE B 260 14.05 -4.77 13.36
CA ILE B 260 13.53 -3.80 14.33
C ILE B 260 14.16 -4.12 15.68
N ILE B 261 14.88 -3.14 16.23
CA ILE B 261 15.46 -3.30 17.57
C ILE B 261 14.79 -2.34 18.54
N PRO B 262 13.94 -2.87 19.43
CA PRO B 262 13.33 -2.05 20.48
C PRO B 262 14.37 -1.70 21.55
N PHE B 263 14.38 -0.45 22.00
CA PHE B 263 15.33 0.01 23.01
C PHE B 263 14.78 1.19 23.82
N SER B 264 15.31 1.40 25.01
CA SER B 264 14.93 2.53 25.84
C SER B 264 16.08 3.53 26.00
N CYS B 265 15.94 4.67 25.32
CA CYS B 265 16.95 5.71 25.32
C CYS B 265 17.30 6.18 26.74
N ALA B 266 16.28 6.40 27.55
CA ALA B 266 16.47 6.83 28.94
C ALA B 266 17.24 5.79 29.73
N PHE B 267 16.89 4.51 29.56
CA PHE B 267 17.56 3.42 30.26
C PHE B 267 19.03 3.31 29.88
N GLU B 268 19.30 3.32 28.58
CA GLU B 268 20.67 3.19 28.10
C GLU B 268 21.53 4.36 28.56
N ARG B 269 20.94 5.56 28.56
CA ARG B 269 21.59 6.78 29.04
C ARG B 269 21.99 6.65 30.50
N LEU B 270 21.06 6.13 31.29
CA LEU B 270 21.25 5.89 32.72
C LEU B 270 22.36 4.87 32.97
N LEU B 271 22.37 3.80 32.16
CA LEU B 271 23.32 2.71 32.30
C LEU B 271 24.75 3.13 31.94
N ALA B 272 24.89 3.99 30.94
CA ALA B 272 26.19 4.46 30.47
C ALA B 272 26.89 5.36 31.50
N ASP B 273 26.11 6.00 32.35
CA ASP B 273 26.62 6.87 33.42
C ASP B 273 27.18 6.09 34.61
N MET B 274 26.90 4.79 34.64
CA MET B 274 27.27 3.96 35.78
C MET B 274 28.63 3.28 35.58
N PRO B 275 29.42 3.14 36.66
CA PRO B 275 30.59 2.27 36.65
C PRO B 275 30.18 0.79 36.48
N PRO B 276 31.06 -0.04 35.90
CA PRO B 276 30.78 -1.42 35.51
C PRO B 276 29.97 -2.25 36.53
N ASP B 277 30.33 -2.16 37.81
CA ASP B 277 29.66 -2.95 38.85
C ASP B 277 28.33 -2.35 39.31
N GLU B 278 28.14 -1.04 39.14
CA GLU B 278 26.83 -0.44 39.39
C GLU B 278 25.88 -0.85 38.28
N ALA B 279 26.37 -0.81 37.05
CA ALA B 279 25.63 -1.27 35.89
C ALA B 279 25.11 -2.70 36.08
N ALA B 280 26.00 -3.59 36.49
CA ALA B 280 25.70 -5.02 36.65
C ALA B 280 24.70 -5.27 37.78
N LYS B 281 24.85 -4.55 38.89
CA LYS B 281 23.91 -4.65 40.02
C LYS B 281 22.51 -4.18 39.61
N TYR B 282 22.46 -3.12 38.80
CA TYR B 282 21.20 -2.57 38.29
C TYR B 282 20.51 -3.56 37.36
N CYS B 283 21.29 -4.19 36.48
CA CYS B 283 20.78 -5.17 35.53
C CYS B 283 20.23 -6.42 36.19
N ALA B 284 20.86 -6.83 37.30
CA ALA B 284 20.44 -7.99 38.06
C ALA B 284 19.16 -7.72 38.86
N GLU B 285 19.11 -6.56 39.53
CA GLU B 285 17.98 -6.18 40.35
C GLU B 285 16.73 -5.80 39.54
N ASN B 286 16.93 -5.36 38.30
CA ASN B 286 15.81 -4.98 37.43
C ASN B 286 15.46 -6.01 36.35
N GLN B 287 16.19 -7.12 36.34
CA GLN B 287 16.05 -8.14 35.28
C GLN B 287 16.00 -7.46 33.90
N ILE B 288 17.07 -6.71 33.61
CA ILE B 288 17.17 -5.90 32.39
C ILE B 288 18.58 -6.01 31.81
N ALA B 289 18.71 -5.75 30.50
CA ALA B 289 20.01 -5.77 29.83
C ALA B 289 20.09 -4.70 28.74
N SER B 290 21.32 -4.24 28.48
CA SER B 290 21.57 -3.28 27.41
C SER B 290 21.46 -3.95 26.06
N VAL B 291 20.93 -3.22 25.09
CA VAL B 291 20.81 -3.72 23.72
C VAL B 291 21.69 -2.92 22.75
N ILE B 292 22.52 -2.04 23.31
CA ILE B 292 23.48 -1.23 22.53
C ILE B 292 24.43 -2.08 21.67
N PRO B 293 25.05 -3.14 22.27
CA PRO B 293 25.90 -4.02 21.47
C PRO B 293 25.17 -4.60 20.26
N LYS B 294 23.93 -5.04 20.45
CA LYS B 294 23.15 -5.59 19.35
C LYS B 294 22.89 -4.54 18.27
N ILE B 295 22.65 -3.30 18.69
CA ILE B 295 22.46 -2.18 17.77
C ILE B 295 23.70 -1.95 16.91
N ILE B 296 24.85 -1.86 17.55
CA ILE B 296 26.14 -1.72 16.88
C ILE B 296 26.41 -2.89 15.92
N LYS B 297 26.22 -4.12 16.40
CA LYS B 297 26.40 -5.31 15.57
C LYS B 297 25.47 -5.34 14.36
N THR B 298 24.20 -5.04 14.59
CA THR B 298 23.19 -5.02 13.52
C THR B 298 23.48 -3.91 12.50
N GLY B 299 23.83 -2.73 13.00
CA GLY B 299 24.20 -1.61 12.13
C GLY B 299 25.34 -1.99 11.19
N PHE B 300 26.39 -2.56 11.77
CA PHE B 300 27.56 -3.03 11.04
C PHE B 300 27.19 -4.03 9.92
N ALA B 301 26.36 -5.01 10.25
CA ALA B 301 25.93 -6.02 9.27
C ALA B 301 25.00 -5.44 8.21
N ALA B 302 24.16 -4.50 8.63
CA ALA B 302 23.20 -3.84 7.75
C ALA B 302 23.87 -3.20 6.55
N ILE B 303 25.00 -2.52 6.78
CA ILE B 303 25.75 -1.89 5.70
C ILE B 303 26.71 -2.87 5.01
N HIS B 304 26.38 -4.15 5.08
CA HIS B 304 27.05 -5.22 4.34
C HIS B 304 28.51 -5.41 4.65
N LEU B 305 28.91 -5.01 5.86
CA LEU B 305 30.28 -5.23 6.32
C LEU B 305 30.40 -6.53 7.09
N ILE B 306 31.53 -7.20 6.88
CA ILE B 306 31.95 -8.33 7.73
C ILE B 306 33.43 -8.15 8.05
N TYR B 307 34.00 -9.08 8.81
CA TYR B 307 35.44 -9.10 9.04
C TYR B 307 35.97 -10.52 9.20
N PHE B 308 37.24 -10.72 8.87
CA PHE B 308 37.94 -11.94 9.19
C PHE B 308 38.94 -11.67 10.31
N PHE B 309 39.48 -12.73 10.89
CA PHE B 309 40.44 -12.60 11.96
C PHE B 309 41.85 -12.96 11.50
N THR B 310 42.84 -12.30 12.11
CA THR B 310 44.21 -12.80 12.11
C THR B 310 44.58 -12.96 13.57
N ALA B 311 45.12 -14.12 13.93
CA ALA B 311 45.36 -14.45 15.32
C ALA B 311 46.73 -15.07 15.56
N GLY B 312 47.50 -14.41 16.42
CA GLY B 312 48.84 -14.85 16.80
C GLY B 312 49.29 -14.12 18.05
N PRO B 313 50.45 -14.52 18.61
CA PRO B 313 51.01 -13.85 19.79
C PRO B 313 51.32 -12.39 19.53
N ASP B 314 51.58 -12.05 18.26
CA ASP B 314 51.84 -10.68 17.84
C ASP B 314 50.57 -9.82 17.98
N GLU B 315 49.48 -10.26 17.36
CA GLU B 315 48.18 -9.58 17.49
C GLU B 315 46.96 -10.43 17.11
N VAL B 316 45.83 -10.11 17.74
CA VAL B 316 44.53 -10.60 17.29
C VAL B 316 43.74 -9.40 16.77
N LYS B 317 43.31 -9.48 15.52
CA LYS B 317 42.67 -8.35 14.84
C LYS B 317 41.45 -8.74 14.01
N CYS B 318 40.48 -7.83 13.95
CA CYS B 318 39.35 -7.95 13.04
C CYS B 318 39.63 -7.13 11.80
N TRP B 319 39.56 -7.77 10.63
CA TRP B 319 39.84 -7.09 9.37
C TRP B 319 38.59 -6.84 8.57
N GLN B 320 38.14 -5.59 8.63
CA GLN B 320 36.91 -5.14 7.98
C GLN B 320 36.97 -5.31 6.46
N ILE B 321 35.99 -6.02 5.90
CA ILE B 321 35.80 -6.12 4.45
C ILE B 321 34.32 -6.09 4.10
N ARG B 322 34.03 -5.71 2.86
CA ARG B 322 32.65 -5.75 2.35
C ARG B 322 32.28 -7.21 2.15
N ARG B 323 30.98 -7.51 2.19
CA ARG B 323 30.50 -8.87 1.99
C ARG B 323 30.80 -9.32 0.56
N GLN B 324 31.06 -10.61 0.39
CA GLN B 324 31.36 -11.21 -0.93
C GLN B 324 32.77 -10.87 -1.44
N THR B 325 33.67 -10.51 -0.53
CA THR B 325 35.05 -10.23 -0.90
C THR B 325 35.83 -11.53 -1.08
N LYS B 326 36.47 -11.67 -2.23
CA LYS B 326 37.28 -12.85 -2.55
C LYS B 326 38.64 -12.75 -1.87
N ALA B 327 39.24 -13.92 -1.61
CA ALA B 327 40.45 -14.04 -0.79
C ALA B 327 41.60 -13.06 -1.11
N PRO B 328 42.01 -12.93 -2.38
CA PRO B 328 43.14 -12.02 -2.70
C PRO B 328 42.86 -10.58 -2.29
N GLN B 329 41.65 -10.11 -2.56
CA GLN B 329 41.27 -8.74 -2.23
C GLN B 329 41.25 -8.50 -0.72
N ALA B 330 40.84 -9.53 0.02
CA ALA B 330 40.92 -9.51 1.48
C ALA B 330 42.37 -9.35 1.94
N ALA B 331 43.28 -10.06 1.27
CA ALA B 331 44.71 -10.00 1.57
C ALA B 331 45.26 -8.58 1.34
N GLY B 332 44.77 -7.93 0.29
CA GLY B 332 45.19 -6.56 -0.05
C GLY B 332 44.91 -5.51 0.99
N THR B 333 43.96 -5.77 1.88
CA THR B 333 43.62 -4.84 2.96
C THR B 333 44.70 -4.79 4.05
N ILE B 334 45.47 -5.87 4.17
CA ILE B 334 46.59 -5.92 5.11
C ILE B 334 47.83 -5.29 4.50
N HIS B 335 48.19 -5.76 3.31
CA HIS B 335 49.39 -5.34 2.58
C HIS B 335 49.18 -5.69 1.14
N THR B 336 49.63 -4.84 0.22
CA THR B 336 49.40 -5.06 -1.20
C THR B 336 50.12 -6.28 -1.76
N ASP B 337 51.27 -6.60 -1.18
CA ASP B 337 52.07 -7.77 -1.59
C ASP B 337 51.33 -9.07 -1.38
N PHE B 338 50.51 -9.13 -0.33
CA PHE B 338 49.68 -10.29 -0.02
C PHE B 338 48.71 -10.61 -1.15
N GLU B 339 48.30 -9.56 -1.88
CA GLU B 339 47.39 -9.69 -3.01
C GLU B 339 48.12 -9.95 -4.32
N ARG B 340 49.14 -9.14 -4.62
CA ARG B 340 49.83 -9.21 -5.91
C ARG B 340 50.59 -10.52 -6.13
N GLY B 341 51.07 -11.12 -5.05
CA GLY B 341 51.76 -12.42 -5.12
C GLY B 341 50.99 -13.52 -4.43
N PHE B 342 49.65 -13.42 -4.46
CA PHE B 342 48.78 -14.34 -3.73
C PHE B 342 48.97 -15.81 -4.15
N ILE B 343 49.26 -16.66 -3.16
CA ILE B 343 49.37 -18.09 -3.38
C ILE B 343 48.13 -18.79 -2.81
N CYS B 344 47.92 -18.64 -1.50
CA CYS B 344 46.76 -19.22 -0.81
C CYS B 344 46.45 -18.48 0.50
N ALA B 345 45.23 -18.67 0.98
CA ALA B 345 44.82 -18.17 2.29
C ALA B 345 44.54 -19.35 3.21
N GLU B 346 45.34 -19.47 4.26
CA GLU B 346 45.23 -20.58 5.20
C GLU B 346 44.17 -20.28 6.28
N VAL B 347 42.96 -20.76 6.03
CA VAL B 347 41.79 -20.42 6.86
C VAL B 347 41.25 -21.59 7.68
N MET B 348 41.00 -21.32 8.96
CA MET B 348 40.25 -22.22 9.81
C MET B 348 39.03 -21.52 10.40
N LYS B 349 37.89 -22.21 10.37
CA LYS B 349 36.63 -21.69 10.92
C LYS B 349 36.71 -21.61 12.45
N PHE B 350 36.16 -20.53 13.00
CA PHE B 350 36.21 -20.28 14.44
C PHE B 350 35.69 -21.45 15.28
N ASP B 351 34.56 -22.01 14.87
CA ASP B 351 33.94 -23.13 15.59
C ASP B 351 34.90 -24.29 15.81
N ASP B 352 35.60 -24.68 14.75
CA ASP B 352 36.60 -25.75 14.81
C ASP B 352 37.74 -25.41 15.77
N LEU B 353 38.11 -24.14 15.84
CA LEU B 353 39.18 -23.68 16.73
C LEU B 353 38.75 -23.76 18.20
N LYS B 354 37.54 -23.27 18.49
CA LYS B 354 37.03 -23.27 19.87
C LYS B 354 36.82 -24.70 20.37
N GLU B 355 36.31 -25.55 19.47
CA GLU B 355 36.02 -26.95 19.78
C GLU B 355 37.30 -27.76 20.04
N LEU B 356 38.21 -27.74 19.06
CA LEU B 356 39.42 -28.57 19.11
C LEU B 356 40.50 -28.05 20.08
N GLY B 357 40.47 -26.76 20.37
CA GLY B 357 41.31 -26.18 21.42
C GLY B 357 42.45 -25.30 20.97
N SER B 358 43.17 -25.74 19.95
CA SER B 358 44.34 -25.00 19.44
C SER B 358 44.52 -25.19 17.93
N GLU B 359 45.36 -24.36 17.34
CA GLU B 359 45.66 -24.42 15.90
C GLU B 359 46.26 -25.77 15.51
N SER B 360 47.17 -26.26 16.36
CA SER B 360 47.78 -27.57 16.19
C SER B 360 46.73 -28.69 16.14
N ALA B 361 45.70 -28.55 16.99
CA ALA B 361 44.60 -29.52 17.03
C ALA B 361 43.73 -29.44 15.77
N VAL B 362 43.47 -28.23 15.29
CA VAL B 362 42.71 -28.02 14.05
C VAL B 362 43.47 -28.64 12.88
N LYS B 363 44.79 -28.47 12.88
CA LYS B 363 45.66 -29.12 11.92
C LYS B 363 45.55 -30.64 12.03
N ALA B 364 45.66 -31.14 13.26
CA ALA B 364 45.63 -32.58 13.54
C ALA B 364 44.39 -33.30 13.02
N ALA B 365 43.25 -32.61 13.06
CA ALA B 365 42.00 -33.16 12.54
C ALA B 365 41.80 -32.85 11.05
N GLY B 366 42.76 -32.16 10.44
CA GLY B 366 42.73 -31.83 9.03
C GLY B 366 41.67 -30.80 8.66
N LYS B 367 41.41 -29.87 9.58
CA LYS B 367 40.40 -28.83 9.36
C LYS B 367 41.03 -27.47 9.01
N TYR B 368 42.35 -27.36 9.23
CA TYR B 368 43.15 -26.22 8.79
C TYR B 368 43.27 -26.27 7.26
N ARG B 369 42.33 -25.61 6.58
CA ARG B 369 42.21 -25.65 5.12
C ARG B 369 43.11 -24.65 4.41
N GLN B 370 43.31 -24.87 3.10
CA GLN B 370 43.96 -23.92 2.22
C GLN B 370 42.98 -23.49 1.14
N GLU B 371 42.89 -22.18 0.89
CA GLU B 371 41.89 -21.65 -0.05
C GLU B 371 42.50 -20.81 -1.16
N GLY B 372 41.90 -20.92 -2.35
CA GLY B 372 42.42 -20.28 -3.56
C GLY B 372 41.94 -18.86 -3.79
N LYS B 373 42.10 -18.39 -5.02
CA LYS B 373 41.83 -17.00 -5.39
C LYS B 373 40.35 -16.71 -5.69
N THR B 374 39.50 -17.69 -5.47
CA THR B 374 38.06 -17.53 -5.72
C THR B 374 37.22 -17.89 -4.50
N TYR B 375 37.88 -18.19 -3.38
CA TYR B 375 37.21 -18.47 -2.12
C TYR B 375 36.69 -17.19 -1.50
N VAL B 376 35.38 -17.12 -1.31
CA VAL B 376 34.75 -15.97 -0.65
C VAL B 376 34.98 -16.09 0.85
N VAL B 377 35.55 -15.03 1.43
CA VAL B 377 35.82 -14.98 2.86
C VAL B 377 34.50 -14.91 3.62
N GLN B 378 34.31 -15.83 4.54
CA GLN B 378 33.13 -15.84 5.39
C GLN B 378 33.43 -15.06 6.66
N ASP B 379 32.41 -14.42 7.22
CA ASP B 379 32.54 -13.72 8.49
C ASP B 379 33.14 -14.66 9.53
N GLY B 380 34.13 -14.18 10.26
CA GLY B 380 34.72 -14.95 11.36
C GLY B 380 35.90 -15.83 10.99
N ASP B 381 36.18 -15.95 9.69
CA ASP B 381 37.32 -16.72 9.19
C ASP B 381 38.63 -16.27 9.83
N ILE B 382 39.41 -17.25 10.30
CA ILE B 382 40.73 -16.96 10.87
C ILE B 382 41.78 -17.32 9.82
N ILE B 383 42.44 -16.29 9.28
CA ILE B 383 43.28 -16.47 8.10
C ILE B 383 44.75 -16.14 8.34
N PHE B 384 45.61 -16.88 7.63
CA PHE B 384 47.01 -16.55 7.45
C PHE B 384 47.25 -16.58 5.94
N PHE B 385 47.83 -15.52 5.40
CA PHE B 385 48.01 -15.40 3.96
C PHE B 385 49.38 -15.86 3.49
N LYS B 386 49.39 -16.56 2.35
CA LYS B 386 50.63 -17.01 1.71
C LYS B 386 50.83 -16.29 0.39
N PHE B 387 52.00 -15.66 0.24
CA PHE B 387 52.25 -14.73 -0.87
C PHE B 387 53.71 -14.75 -1.35
N ASN B 388 53.93 -14.21 -2.55
CA ASN B 388 55.25 -13.98 -3.15
C ASN B 388 56.15 -15.23 -3.19
PG GNP C . -27.81 0.47 13.23
O1G GNP C . -26.40 0.19 12.89
O2G GNP C . -28.77 0.05 12.00
O3G GNP C . -28.24 -0.30 14.57
N3B GNP C . -27.96 2.20 13.48
PB GNP C . -28.10 3.24 12.09
O1B GNP C . -26.80 3.33 11.39
O2B GNP C . -29.23 2.61 11.11
O3A GNP C . -28.55 4.70 12.60
PA GNP C . -30.10 5.11 12.70
O1A GNP C . -30.95 3.88 12.91
O2A GNP C . -30.39 6.02 11.54
O5' GNP C . -30.14 5.98 14.06
C5' GNP C . -29.79 5.42 15.32
C4' GNP C . -29.26 6.52 16.24
O4' GNP C . -28.01 7.05 15.75
C3' GNP C . -30.20 7.70 16.36
O3' GNP C . -31.09 7.56 17.47
C2' GNP C . -29.29 8.90 16.50
O2' GNP C . -29.13 9.28 17.87
C1' GNP C . -27.95 8.46 15.94
N9 GNP C . -27.73 9.17 14.65
C8 GNP C . -27.95 8.67 13.42
N7 GNP C . -27.66 9.58 12.45
C5 GNP C . -27.25 10.70 13.06
C6 GNP C . -26.80 12.04 12.63
O6 GNP C . -26.73 12.33 11.41
N1 GNP C . -26.47 12.93 13.58
C2 GNP C . -26.52 12.64 14.90
N2 GNP C . -26.17 13.59 15.80
N3 GNP C . -26.94 11.43 15.36
C4 GNP C . -27.30 10.43 14.51
MG MG D . -30.40 0.36 10.79
K K E . 18.97 -5.47 8.16
C1 GOL F . 17.13 15.13 18.08
O1 GOL F . 17.03 16.40 17.41
C2 GOL F . 16.00 15.01 19.09
O2 GOL F . 15.30 13.78 18.85
C3 GOL F . 16.56 15.08 20.50
O3 GOL F . 17.07 13.81 20.94
#